data_4QXB
#
_entry.id   4QXB
#
_cell.length_a   54.604
_cell.length_b   86.724
_cell.length_c   171.102
_cell.angle_alpha   90.00
_cell.angle_beta   90.00
_cell.angle_gamma   90.00
#
_symmetry.space_group_name_H-M   'P 21 21 21'
#
loop_
_entity.id
_entity.type
_entity.pdbx_description
1 polymer 'Lysine-specific demethylase 2A'
2 polymer 'Lysine-specific demethylase 2A'
3 polymer 'Histone H3.2'
4 non-polymer N-OXALYLGLYCINE
5 non-polymer 'NICKEL (II) ION'
6 water water
#
loop_
_entity_poly.entity_id
_entity_poly.type
_entity_poly.pdbx_seq_one_letter_code
_entity_poly.pdbx_strand_id
1 'polypeptide(L)'
;RTFDLEEKLQTNKYNANFVTFMEGKDFNVEYIQRGGLRDPLIFKNSDGLGIKMPDPDFTVNDVKMCVGSRRMVDVMDVNT
QKGIEMTMAQWTRYYETPEEEREKLYNVISLEFSHTRLENMVQRPSTVDFIDWVDNMWPRHLKESQTESTNAILEMQYPK
VQKYCLMSVRGCYTDFHVDFGGTSVWYHIHQGGKVFWLIPPTAHNLELYENWLLSGKQGDIFLGDRVSDCQRIELKQGYT
FVIPSGWIHAVYTPTDTLVFGGNFLHSFNIPMQLKIYSIEDRTRVPNKFRYPFYYEMCWYVLERYVYCITNRSHLTKDFQ
KESLSMDME
;
A,C
2 'polypeptide(L)' QVHLTHFELEGLRCLVDKLESLPLHKKCVPTGIEDEDALIADVKILLEELASSDPKLALTGVPIVQWP B,D
3 'polypeptide(L)' APATGGV(M3L)KPHRYRP E,F
#
loop_
_chem_comp.id
_chem_comp.type
_chem_comp.name
_chem_comp.formula
NI non-polymer 'NICKEL (II) ION' 'Ni 2'
OGA non-polymer N-OXALYLGLYCINE 'C4 H5 N O5'
#
# COMPACT_ATOMS: atom_id res chain seq x y z
N ARG A 1 29.54 15.33 2.77
CA ARG A 1 28.31 14.95 3.51
C ARG A 1 28.14 15.94 4.67
N THR A 2 26.95 16.55 4.78
CA THR A 2 26.75 17.54 5.86
C THR A 2 25.84 17.03 6.96
N PHE A 3 25.13 15.92 6.73
CA PHE A 3 24.41 15.34 7.83
C PHE A 3 25.31 14.48 8.73
N ASP A 4 24.83 14.17 9.96
CA ASP A 4 25.63 13.47 10.95
C ASP A 4 25.25 11.98 10.94
N LEU A 5 26.05 11.16 10.26
CA LEU A 5 25.80 9.73 10.22
C LEU A 5 25.71 9.12 11.61
N GLU A 6 26.51 9.62 12.57
CA GLU A 6 26.45 9.01 13.90
C GLU A 6 25.09 9.25 14.55
N GLU A 7 24.50 10.42 14.33
CA GLU A 7 23.16 10.56 14.91
C GLU A 7 22.11 9.69 14.23
N LYS A 8 22.32 9.40 12.93
CA LYS A 8 21.32 8.53 12.28
C LYS A 8 21.43 7.11 12.75
N LEU A 9 22.62 6.76 13.28
CA LEU A 9 22.81 5.37 13.80
C LEU A 9 22.35 5.26 15.26
N GLN A 10 22.26 6.40 15.91
CA GLN A 10 21.94 6.41 17.36
C GLN A 10 20.47 6.72 17.69
N THR A 11 19.81 7.51 16.88
CA THR A 11 18.45 7.91 17.16
C THR A 11 17.53 6.72 17.24
N ASN A 12 16.47 6.85 18.05
CA ASN A 12 15.45 5.80 18.05
C ASN A 12 14.24 6.09 17.10
N LYS A 13 14.33 7.13 16.28
CA LYS A 13 13.19 7.57 15.54
C LYS A 13 12.84 6.69 14.28
N TYR A 14 13.75 5.82 13.86
CA TYR A 14 13.46 5.02 12.66
C TYR A 14 12.86 3.70 13.09
N ASN A 15 11.65 3.81 13.67
CA ASN A 15 11.06 2.73 14.42
C ASN A 15 9.90 2.04 13.73
N ALA A 16 9.78 2.20 12.41
CA ALA A 16 8.78 1.42 11.66
C ALA A 16 9.13 -0.09 11.71
N ASN A 17 8.10 -0.94 11.57
CA ASN A 17 8.36 -2.35 11.43
C ASN A 17 7.82 -2.81 10.13
N PHE A 18 8.67 -2.87 9.10
CA PHE A 18 8.31 -3.36 7.79
C PHE A 18 8.78 -4.81 7.51
N VAL A 19 9.72 -5.34 8.31
CA VAL A 19 10.36 -6.59 7.95
C VAL A 19 9.51 -7.72 8.56
N THR A 20 9.33 -8.81 7.81
CA THR A 20 8.75 -10.09 8.26
C THR A 20 9.91 -11.02 8.56
N PHE A 21 9.88 -11.61 9.74
CA PHE A 21 10.91 -12.60 10.18
C PHE A 21 10.37 -13.96 9.85
N MET A 22 11.04 -14.71 8.97
CA MET A 22 10.51 -15.94 8.45
C MET A 22 11.48 -17.08 8.67
N GLU A 23 10.93 -18.29 8.67
CA GLU A 23 11.75 -19.51 8.58
C GLU A 23 11.95 -19.85 7.12
N GLY A 24 13.11 -20.45 6.79
CA GLY A 24 13.41 -20.73 5.40
C GLY A 24 12.40 -21.66 4.77
N LYS A 25 11.92 -22.66 5.52
CA LYS A 25 10.92 -23.62 5.05
C LYS A 25 9.72 -22.94 4.46
N ASP A 26 9.36 -21.75 4.96
CA ASP A 26 8.14 -21.10 4.56
C ASP A 26 8.33 -20.19 3.36
N PHE A 27 9.59 -20.00 2.95
CA PHE A 27 9.86 -19.13 1.77
C PHE A 27 9.92 -19.99 0.54
N ASN A 28 8.74 -20.10 -0.08
CA ASN A 28 8.53 -20.95 -1.20
C ASN A 28 7.65 -20.27 -2.22
N VAL A 29 7.45 -20.94 -3.36
CA VAL A 29 6.74 -20.30 -4.44
C VAL A 29 5.30 -19.98 -4.05
N GLU A 30 4.67 -20.86 -3.26
CA GLU A 30 3.37 -20.52 -2.81
C GLU A 30 3.29 -19.20 -1.99
N TYR A 31 4.30 -19.00 -1.13
CA TYR A 31 4.46 -17.71 -0.38
C TYR A 31 4.55 -16.52 -1.39
N ILE A 32 5.29 -16.69 -2.48
CA ILE A 32 5.48 -15.60 -3.48
C ILE A 32 4.18 -15.38 -4.23
N GLN A 33 3.46 -16.48 -4.57
CA GLN A 33 2.18 -16.30 -5.21
C GLN A 33 1.13 -15.57 -4.34
N ARG A 34 1.15 -15.89 -3.04
CA ARG A 34 0.21 -15.31 -2.09
C ARG A 34 0.50 -13.87 -1.79
N GLY A 35 1.80 -13.54 -1.68
CA GLY A 35 2.17 -12.19 -1.15
C GLY A 35 2.86 -11.28 -2.09
N GLY A 36 3.22 -11.81 -3.26
CA GLY A 36 3.81 -10.94 -4.33
C GLY A 36 5.22 -10.46 -3.99
N LEU A 37 5.91 -11.11 -3.05
CA LEU A 37 7.25 -10.68 -2.50
C LEU A 37 7.21 -9.14 -2.27
N ARG A 38 6.19 -8.67 -1.54
CA ARG A 38 6.06 -7.23 -1.27
C ARG A 38 6.71 -6.82 0.06
N ASP A 39 7.14 -7.78 0.87
CA ASP A 39 7.63 -7.41 2.23
C ASP A 39 9.08 -7.78 2.38
N PRO A 40 9.89 -6.85 2.90
CA PRO A 40 11.25 -7.29 3.23
C PRO A 40 11.27 -8.50 4.20
N LEU A 41 12.18 -9.40 4.00
CA LEU A 41 12.25 -10.64 4.83
C LEU A 41 13.61 -10.79 5.47
N ILE A 42 13.60 -11.21 6.72
CA ILE A 42 14.86 -11.63 7.36
C ILE A 42 14.73 -13.09 7.85
N PHE A 43 15.75 -13.87 7.53
CA PHE A 43 15.92 -15.27 7.92
C PHE A 43 17.09 -15.21 8.88
N LYS A 44 16.79 -15.32 10.18
CA LYS A 44 17.88 -15.26 11.21
C LYS A 44 18.76 -16.52 11.16
N ASN A 45 18.25 -17.62 10.65
CA ASN A 45 19.16 -18.75 10.34
C ASN A 45 18.94 -19.20 8.92
N SER A 46 19.83 -20.03 8.38
CA SER A 46 19.66 -20.46 6.99
C SER A 46 18.89 -21.76 6.79
N ASP A 47 18.39 -22.38 7.88
CA ASP A 47 17.69 -23.66 7.73
C ASP A 47 16.58 -23.55 6.69
N GLY A 48 16.54 -24.50 5.77
CA GLY A 48 15.48 -24.53 4.81
C GLY A 48 15.58 -23.60 3.60
N LEU A 49 16.61 -22.75 3.56
CA LEU A 49 16.74 -21.80 2.41
C LEU A 49 17.37 -22.40 1.23
N GLY A 50 18.21 -23.42 1.45
CA GLY A 50 18.94 -24.04 0.37
C GLY A 50 20.17 -23.25 -0.08
N ILE A 51 20.68 -22.37 0.79
CA ILE A 51 21.87 -21.61 0.42
C ILE A 51 23.15 -22.47 0.59
N LYS A 52 24.24 -22.04 -0.05
CA LYS A 52 25.53 -22.65 0.18
C LYS A 52 26.49 -21.44 0.23
N MET A 53 27.48 -21.48 1.14
CA MET A 53 28.46 -20.42 1.21
C MET A 53 29.85 -20.99 1.38
N PRO A 54 30.89 -20.16 1.18
CA PRO A 54 32.25 -20.59 1.33
C PRO A 54 32.56 -20.95 2.77
N ASP A 55 33.73 -21.55 2.98
CA ASP A 55 34.27 -21.74 4.36
C ASP A 55 33.98 -20.55 5.28
N PRO A 56 33.62 -20.76 6.57
CA PRO A 56 33.31 -19.66 7.44
C PRO A 56 34.37 -18.65 7.64
N ASP A 57 35.65 -19.06 7.49
CA ASP A 57 36.76 -18.13 7.63
C ASP A 57 37.35 -17.61 6.31
N PHE A 58 36.58 -17.74 5.21
CA PHE A 58 36.96 -17.17 3.89
C PHE A 58 37.35 -15.72 3.99
N THR A 59 38.43 -15.36 3.28
CA THR A 59 38.93 -13.96 3.45
C THR A 59 38.83 -13.26 2.13
N VAL A 60 39.10 -11.95 2.17
CA VAL A 60 39.14 -11.17 0.89
C VAL A 60 40.25 -11.72 0.01
N ASN A 61 41.38 -12.17 0.60
CA ASN A 61 42.44 -12.73 -0.27
C ASN A 61 42.01 -14.02 -0.98
N ASP A 62 41.15 -14.80 -0.28
CA ASP A 62 40.55 -15.99 -0.86
C ASP A 62 39.64 -15.63 -2.06
N VAL A 63 38.82 -14.56 -1.88
CA VAL A 63 37.99 -14.05 -2.99
C VAL A 63 38.91 -13.65 -4.16
N LYS A 64 39.98 -12.93 -3.82
CA LYS A 64 40.97 -12.57 -4.84
C LYS A 64 41.52 -13.76 -5.64
N MET A 65 41.96 -14.78 -4.94
CA MET A 65 42.52 -15.95 -5.64
C MET A 65 41.46 -16.64 -6.49
N CYS A 66 40.17 -16.54 -6.09
CA CYS A 66 39.12 -17.18 -6.89
C CYS A 66 38.70 -16.43 -8.12
N VAL A 67 38.76 -15.08 -8.09
CA VAL A 67 38.38 -14.24 -9.25
C VAL A 67 39.57 -13.73 -10.10
N GLY A 68 40.75 -13.78 -9.50
CA GLY A 68 42.03 -13.37 -10.14
C GLY A 68 42.55 -12.07 -9.58
N SER A 69 43.85 -12.06 -9.24
CA SER A 69 44.58 -10.85 -8.77
C SER A 69 44.41 -9.70 -9.73
N ARG A 70 44.37 -10.00 -11.06
CA ARG A 70 44.35 -8.89 -12.04
C ARG A 70 42.96 -8.45 -12.45
N ARG A 71 41.93 -9.08 -11.89
CA ARG A 71 40.53 -8.66 -12.18
C ARG A 71 40.26 -7.22 -11.74
N MET A 72 39.78 -6.38 -12.66
CA MET A 72 39.39 -5.04 -12.31
C MET A 72 38.07 -5.05 -11.54
N VAL A 73 38.01 -4.26 -10.46
CA VAL A 73 36.80 -4.25 -9.63
C VAL A 73 36.38 -2.80 -9.46
N ASP A 74 35.08 -2.56 -9.48
CA ASP A 74 34.54 -1.22 -9.20
C ASP A 74 34.50 -1.02 -7.69
N VAL A 75 34.99 0.14 -7.26
CA VAL A 75 35.07 0.44 -5.83
C VAL A 75 34.34 1.75 -5.62
N MET A 76 33.71 1.89 -4.44
CA MET A 76 33.09 3.21 -4.14
C MET A 76 33.98 3.97 -3.15
N ASP A 77 34.15 5.25 -3.41
CA ASP A 77 34.77 6.12 -2.37
C ASP A 77 33.60 6.56 -1.52
N VAL A 78 33.62 6.20 -0.25
CA VAL A 78 32.47 6.41 0.63
C VAL A 78 32.23 7.89 0.84
N ASN A 79 33.31 8.67 0.90
CA ASN A 79 33.12 10.12 1.18
C ASN A 79 32.35 10.83 0.08
N THR A 80 32.53 10.39 -1.16
CA THR A 80 31.93 11.13 -2.31
C THR A 80 30.80 10.37 -2.98
N GLN A 81 30.72 9.06 -2.65
CA GLN A 81 29.81 8.06 -3.29
C GLN A 81 30.14 7.94 -4.79
N LYS A 82 31.35 8.32 -5.18
CA LYS A 82 31.74 8.28 -6.59
C LYS A 82 32.46 6.91 -6.80
N GLY A 83 32.52 6.44 -8.06
CA GLY A 83 33.22 5.18 -8.35
C GLY A 83 34.64 5.38 -8.75
N ILE A 84 35.48 4.36 -8.48
CA ILE A 84 36.81 4.26 -9.03
C ILE A 84 37.04 2.76 -9.34
N GLU A 85 38.20 2.45 -9.93
CA GLU A 85 38.51 1.05 -10.24
C GLU A 85 39.93 0.71 -9.77
N MET A 86 40.15 -0.53 -9.36
CA MET A 86 41.49 -1.05 -9.14
C MET A 86 41.46 -2.55 -9.36
N THR A 87 42.62 -3.18 -9.30
CA THR A 87 42.58 -4.63 -9.43
C THR A 87 42.26 -5.28 -8.09
N MET A 88 41.86 -6.55 -8.13
CA MET A 88 41.51 -7.26 -6.88
C MET A 88 42.74 -7.41 -5.99
N ALA A 89 43.95 -7.50 -6.55
CA ALA A 89 45.17 -7.55 -5.63
C ALA A 89 45.31 -6.22 -4.93
N GLN A 90 45.04 -5.11 -5.62
CA GLN A 90 45.14 -3.79 -5.01
C GLN A 90 44.03 -3.63 -3.97
N TRP A 91 42.81 -4.12 -4.28
CA TRP A 91 41.74 -4.04 -3.30
C TRP A 91 42.11 -4.84 -2.03
N THR A 92 42.69 -6.02 -2.23
CA THR A 92 43.03 -6.90 -1.12
C THR A 92 44.08 -6.21 -0.27
N ARG A 93 45.06 -5.58 -0.90
CA ARG A 93 46.09 -4.78 -0.16
C ARG A 93 45.38 -3.73 0.71
N TYR A 94 44.40 -3.02 0.11
CA TYR A 94 43.68 -2.02 0.88
C TYR A 94 42.95 -2.68 2.07
N TYR A 95 42.26 -3.79 1.82
CA TYR A 95 41.41 -4.34 2.82
C TYR A 95 42.28 -4.89 3.98
N GLU A 96 43.48 -5.37 3.68
CA GLU A 96 44.41 -5.91 4.68
C GLU A 96 45.25 -4.83 5.38
N THR A 97 45.10 -3.57 5.00
CA THR A 97 45.84 -2.47 5.61
C THR A 97 45.16 -2.20 6.97
N PRO A 98 45.97 -2.11 8.06
CA PRO A 98 45.31 -1.72 9.32
C PRO A 98 44.47 -0.42 9.16
N GLU A 99 43.37 -0.35 9.87
CA GLU A 99 42.39 0.73 9.78
C GLU A 99 43.03 2.13 9.90
N GLU A 100 44.00 2.29 10.80
CA GLU A 100 44.62 3.61 11.07
C GLU A 100 45.64 4.04 10.01
N GLU A 101 45.95 3.16 9.05
CA GLU A 101 46.90 3.49 8.01
C GLU A 101 46.19 3.75 6.67
N ARG A 102 44.89 3.54 6.64
CA ARG A 102 44.17 3.77 5.39
C ARG A 102 43.83 5.23 5.22
N GLU A 103 44.24 5.84 4.11
CA GLU A 103 43.93 7.26 3.88
C GLU A 103 42.42 7.49 3.67
N LYS A 104 41.76 6.61 2.91
CA LYS A 104 40.36 6.89 2.54
C LYS A 104 39.53 5.67 2.89
N LEU A 105 38.21 5.84 2.89
CA LEU A 105 37.27 4.73 3.18
C LEU A 105 36.67 4.33 1.85
N TYR A 106 36.91 3.07 1.46
CA TYR A 106 36.42 2.51 0.20
C TYR A 106 35.56 1.29 0.50
N ASN A 107 34.59 1.00 -0.38
CA ASN A 107 33.63 -0.11 -0.23
C ASN A 107 33.60 -0.82 -1.58
N VAL A 108 33.51 -2.15 -1.59
CA VAL A 108 33.17 -2.86 -2.84
C VAL A 108 31.81 -3.53 -2.65
N ILE A 109 30.89 -3.13 -3.50
CA ILE A 109 29.57 -3.75 -3.43
C ILE A 109 29.22 -4.37 -4.78
N SER A 110 30.17 -4.38 -5.75
CA SER A 110 29.77 -4.70 -7.13
C SER A 110 30.66 -5.74 -7.81
N LEU A 111 31.26 -6.69 -7.07
CA LEU A 111 32.06 -7.70 -7.74
C LEU A 111 31.16 -8.87 -8.12
N GLU A 112 30.77 -8.97 -9.40
CA GLU A 112 29.90 -10.11 -9.80
C GLU A 112 30.86 -11.23 -10.24
N PHE A 113 30.72 -12.36 -9.56
CA PHE A 113 31.72 -13.44 -9.66
C PHE A 113 31.22 -14.69 -10.40
N SER A 114 30.09 -14.59 -11.12
CA SER A 114 29.72 -15.74 -11.95
C SER A 114 30.82 -16.02 -12.99
N HIS A 115 30.95 -17.30 -13.35
CA HIS A 115 31.94 -17.76 -14.31
C HIS A 115 33.36 -17.66 -13.79
N THR A 116 33.50 -17.65 -12.48
CA THR A 116 34.81 -17.87 -11.81
C THR A 116 34.67 -19.09 -10.84
N ARG A 117 35.83 -19.49 -10.27
CA ARG A 117 35.86 -20.54 -9.30
C ARG A 117 34.98 -20.26 -8.07
N LEU A 118 34.74 -18.99 -7.76
CA LEU A 118 33.91 -18.65 -6.63
C LEU A 118 32.40 -18.99 -6.85
N GLU A 119 31.97 -19.06 -8.10
CA GLU A 119 30.58 -19.19 -8.40
C GLU A 119 29.95 -20.43 -7.83
N ASN A 120 30.67 -21.56 -7.91
CA ASN A 120 30.07 -22.80 -7.36
C ASN A 120 30.19 -22.91 -5.83
N MET A 121 30.83 -21.95 -5.19
CA MET A 121 30.90 -21.98 -3.73
C MET A 121 29.73 -21.31 -3.07
N VAL A 122 29.02 -20.51 -3.85
CA VAL A 122 27.90 -19.72 -3.30
C VAL A 122 26.62 -20.09 -4.03
N GLN A 123 25.59 -20.53 -3.31
CA GLN A 123 24.29 -20.66 -3.92
C GLN A 123 23.26 -19.86 -3.17
N ARG A 124 22.41 -19.16 -3.92
CA ARG A 124 21.41 -18.33 -3.27
C ARG A 124 20.18 -19.18 -2.86
N PRO A 125 19.20 -18.55 -2.20
CA PRO A 125 18.05 -19.35 -1.71
C PRO A 125 17.38 -20.06 -2.87
N SER A 126 17.09 -21.38 -2.74
CA SER A 126 16.43 -22.12 -3.83
C SER A 126 15.21 -21.50 -4.41
N THR A 127 14.39 -20.87 -3.58
CA THR A 127 13.22 -20.27 -4.10
C THR A 127 13.48 -19.18 -5.16
N VAL A 128 14.55 -18.41 -4.96
CA VAL A 128 14.90 -17.39 -5.98
C VAL A 128 15.11 -18.05 -7.37
N ASP A 129 15.70 -19.24 -7.41
CA ASP A 129 15.90 -19.94 -8.72
C ASP A 129 14.60 -20.22 -9.48
N PHE A 130 13.49 -20.39 -8.74
CA PHE A 130 12.25 -20.76 -9.34
C PHE A 130 11.56 -19.54 -9.95
N ILE A 131 11.97 -18.30 -9.52
CA ILE A 131 11.27 -17.05 -9.94
C ILE A 131 12.13 -16.03 -10.72
N ASP A 132 13.44 -16.19 -10.65
CA ASP A 132 14.33 -15.18 -11.33
C ASP A 132 14.07 -15.26 -12.83
N TRP A 133 13.84 -14.10 -13.45
CA TRP A 133 13.75 -14.04 -14.89
C TRP A 133 14.97 -14.55 -15.66
N VAL A 134 16.19 -14.39 -15.14
CA VAL A 134 17.36 -14.93 -15.83
C VAL A 134 17.26 -16.42 -16.00
N ASP A 135 16.92 -17.13 -14.92
CA ASP A 135 16.93 -18.58 -14.94
CA ASP A 135 16.95 -18.58 -14.98
C ASP A 135 15.75 -19.14 -15.71
N ASN A 136 14.65 -18.39 -15.70
CA ASN A 136 13.36 -18.95 -16.24
C ASN A 136 12.91 -18.40 -17.55
N MET A 137 13.48 -17.26 -17.95
CA MET A 137 12.92 -16.56 -19.13
C MET A 137 13.95 -16.38 -20.24
N TRP A 138 15.19 -16.10 -19.87
CA TRP A 138 16.22 -15.77 -20.91
C TRP A 138 16.56 -17.08 -21.66
N PRO A 139 16.76 -16.99 -22.99
CA PRO A 139 17.10 -18.22 -23.73
C PRO A 139 18.34 -18.93 -23.16
N ARG A 140 18.15 -20.22 -22.84
CA ARG A 140 19.14 -20.91 -22.00
C ARG A 140 20.47 -21.04 -22.72
N HIS A 141 20.43 -21.24 -24.05
CA HIS A 141 21.71 -21.44 -24.75
C HIS A 141 22.57 -20.19 -24.76
N LEU A 142 21.90 -19.03 -24.67
CA LEU A 142 22.67 -17.77 -24.55
C LEU A 142 23.28 -17.65 -23.19
N LYS A 143 22.50 -17.90 -22.11
CA LYS A 143 23.07 -17.81 -20.74
C LYS A 143 24.26 -18.81 -20.60
N GLU A 144 24.08 -20.04 -21.14
CA GLU A 144 25.11 -21.06 -21.03
C GLU A 144 26.35 -20.70 -21.84
N SER A 145 26.23 -19.83 -22.83
CA SER A 145 27.42 -19.48 -23.66
C SER A 145 28.38 -18.46 -23.00
N GLN A 146 27.93 -17.84 -21.91
CA GLN A 146 28.80 -16.83 -21.23
C GLN A 146 30.11 -17.41 -20.80
N THR A 147 31.20 -16.76 -21.25
CA THR A 147 32.56 -17.11 -20.75
C THR A 147 33.19 -16.03 -19.94
N GLU A 148 32.80 -14.78 -20.18
CA GLU A 148 33.54 -13.66 -19.57
C GLU A 148 33.12 -13.53 -18.09
N SER A 149 34.08 -13.43 -17.16
CA SER A 149 33.71 -13.30 -15.75
C SER A 149 33.63 -11.87 -15.29
N THR A 150 34.10 -10.90 -16.12
CA THR A 150 33.85 -9.52 -15.77
C THR A 150 32.49 -9.07 -16.30
N ASN A 151 32.08 -7.83 -16.00
CA ASN A 151 30.80 -7.32 -16.51
C ASN A 151 31.00 -6.44 -17.76
N ALA A 152 32.00 -6.76 -18.51
CA ALA A 152 32.11 -6.13 -19.85
C ALA A 152 30.90 -6.40 -20.72
N ILE A 153 30.24 -5.32 -21.19
CA ILE A 153 28.92 -5.44 -21.85
C ILE A 153 28.99 -6.13 -23.20
N LEU A 154 30.05 -5.84 -23.96
CA LEU A 154 30.24 -6.53 -25.26
C LEU A 154 30.38 -8.02 -25.20
N GLU A 155 30.80 -8.57 -24.07
CA GLU A 155 30.93 -10.04 -23.95
C GLU A 155 29.77 -10.62 -23.15
N MET A 156 28.80 -9.77 -22.76
CA MET A 156 27.72 -10.28 -21.88
C MET A 156 26.57 -10.86 -22.66
N GLN A 157 26.26 -12.11 -22.34
CA GLN A 157 25.28 -12.88 -23.10
C GLN A 157 23.88 -12.95 -22.48
N TYR A 158 23.77 -12.46 -21.25
CA TYR A 158 22.50 -12.44 -20.47
C TYR A 158 22.70 -11.37 -19.38
N PRO A 159 21.67 -11.03 -18.61
CA PRO A 159 21.92 -10.01 -17.56
C PRO A 159 22.74 -10.59 -16.39
N LYS A 160 24.01 -10.21 -16.33
CA LYS A 160 24.99 -10.82 -15.43
C LYS A 160 24.94 -10.10 -14.06
N VAL A 161 23.89 -10.42 -13.28
CA VAL A 161 23.63 -9.67 -12.05
C VAL A 161 23.23 -10.62 -10.94
N GLN A 162 23.62 -11.91 -11.07
CA GLN A 162 23.06 -12.90 -10.12
C GLN A 162 23.85 -13.08 -8.86
N LYS A 163 25.17 -12.92 -8.89
CA LYS A 163 26.00 -13.31 -7.76
C LYS A 163 27.13 -12.29 -7.52
N TYR A 164 26.96 -11.50 -6.46
CA TYR A 164 27.97 -10.48 -6.13
C TYR A 164 28.58 -10.69 -4.78
N CYS A 165 29.84 -10.26 -4.67
CA CYS A 165 30.52 -10.32 -3.40
C CYS A 165 30.74 -8.89 -2.96
N LEU A 166 30.30 -8.58 -1.75
CA LEU A 166 30.46 -7.25 -1.12
C LEU A 166 31.51 -7.34 -0.04
N MET A 167 32.49 -6.43 -0.07
CA MET A 167 33.55 -6.42 0.93
C MET A 167 33.60 -5.01 1.47
N SER A 168 33.26 -4.87 2.72
CA SER A 168 33.06 -3.55 3.34
C SER A 168 33.88 -3.43 4.65
N VAL A 169 34.72 -2.44 4.68
CA VAL A 169 35.45 -2.18 5.98
C VAL A 169 34.56 -1.39 6.95
N ARG A 170 34.85 -1.53 8.23
CA ARG A 170 34.18 -0.71 9.24
C ARG A 170 34.14 0.75 8.89
N GLY A 171 32.93 1.33 8.98
CA GLY A 171 32.68 2.77 8.64
C GLY A 171 32.03 2.98 7.27
N CYS A 172 31.98 1.93 6.44
CA CYS A 172 31.44 2.10 5.10
C CYS A 172 29.97 2.52 5.18
N TYR A 173 29.59 3.36 4.21
CA TYR A 173 28.20 3.82 4.10
C TYR A 173 27.86 3.86 2.62
N THR A 174 26.69 3.36 2.31
CA THR A 174 26.15 3.42 0.98
C THR A 174 24.86 4.20 1.11
N ASP A 175 24.77 5.33 0.43
CA ASP A 175 23.61 6.25 0.60
C ASP A 175 22.35 5.69 -0.08
N PHE A 176 21.20 6.29 0.28
CA PHE A 176 19.89 5.74 -0.22
C PHE A 176 19.87 5.54 -1.73
N HIS A 177 19.29 4.40 -2.16
CA HIS A 177 19.09 4.15 -3.59
C HIS A 177 18.07 3.09 -3.73
N VAL A 178 17.66 2.88 -4.95
CA VAL A 178 16.83 1.72 -5.30
C VAL A 178 17.68 0.87 -6.26
N ASP A 179 17.75 -0.45 -6.04
CA ASP A 179 18.54 -1.32 -6.93
C ASP A 179 18.06 -1.31 -8.38
N PHE A 180 19.02 -1.53 -9.30
CA PHE A 180 18.76 -1.25 -10.71
C PHE A 180 17.60 -2.07 -11.27
N GLY A 181 16.86 -1.40 -12.11
CA GLY A 181 15.75 -1.98 -12.78
C GLY A 181 14.62 -2.39 -11.89
N GLY A 182 14.63 -1.92 -10.65
CA GLY A 182 13.62 -2.37 -9.65
C GLY A 182 13.83 -3.84 -9.32
N THR A 183 15.10 -4.30 -9.43
CA THR A 183 15.41 -5.69 -9.00
C THR A 183 15.12 -5.86 -7.53
N SER A 184 14.72 -7.09 -7.16
CA SER A 184 14.70 -7.54 -5.76
C SER A 184 16.14 -8.02 -5.41
N VAL A 185 16.54 -8.00 -4.13
CA VAL A 185 17.87 -8.37 -3.72
C VAL A 185 17.79 -9.44 -2.67
N TRP A 186 18.73 -10.39 -2.71
CA TRP A 186 18.97 -11.29 -1.55
C TRP A 186 20.38 -10.99 -1.06
N TYR A 187 20.58 -11.12 0.25
CA TYR A 187 21.80 -10.60 0.87
C TYR A 187 22.12 -11.49 2.04
N HIS A 188 23.28 -12.13 2.04
CA HIS A 188 23.63 -13.05 3.14
C HIS A 188 24.90 -12.57 3.86
N ILE A 189 24.81 -12.38 5.18
CA ILE A 189 25.95 -11.84 5.88
C ILE A 189 26.90 -12.98 6.27
N HIS A 190 27.97 -13.15 5.53
CA HIS A 190 28.81 -14.32 5.77
C HIS A 190 29.64 -14.09 7.01
N GLN A 191 30.21 -12.88 7.12
CA GLN A 191 30.98 -12.48 8.28
C GLN A 191 30.76 -11.02 8.52
N GLY A 192 30.58 -10.65 9.78
CA GLY A 192 30.39 -9.24 10.12
C GLY A 192 28.96 -8.89 10.44
N GLY A 193 28.56 -7.69 10.02
CA GLY A 193 27.22 -7.19 10.28
C GLY A 193 26.95 -5.94 9.46
N LYS A 194 25.67 -5.63 9.28
CA LYS A 194 25.27 -4.41 8.51
C LYS A 194 24.12 -3.76 9.18
N VAL A 195 23.97 -2.44 8.95
CA VAL A 195 22.80 -1.67 9.42
C VAL A 195 22.07 -1.12 8.20
N PHE A 196 20.77 -1.42 8.05
CA PHE A 196 20.03 -0.88 6.89
C PHE A 196 19.00 0.13 7.34
N TRP A 197 18.78 1.18 6.55
CA TRP A 197 17.59 2.03 6.74
C TRP A 197 16.68 1.73 5.57
N LEU A 198 15.38 1.48 5.85
CA LEU A 198 14.48 1.03 4.78
C LEU A 198 13.33 2.01 4.63
N ILE A 199 12.98 2.36 3.39
CA ILE A 199 11.91 3.30 3.17
C ILE A 199 10.99 2.57 2.14
N PRO A 200 9.68 2.47 2.37
CA PRO A 200 8.82 1.72 1.46
C PRO A 200 8.52 2.49 0.16
N PRO A 201 8.33 1.80 -0.97
CA PRO A 201 8.22 2.48 -2.25
C PRO A 201 6.76 2.97 -2.50
N THR A 202 6.20 3.74 -1.56
CA THR A 202 4.90 4.34 -1.85
C THR A 202 5.05 5.34 -2.98
N ALA A 203 3.93 5.73 -3.58
CA ALA A 203 4.07 6.71 -4.65
C ALA A 203 4.72 8.00 -4.14
N HIS A 204 4.27 8.48 -2.97
CA HIS A 204 4.84 9.68 -2.44
C HIS A 204 6.36 9.53 -2.14
N ASN A 205 6.74 8.39 -1.57
CA ASN A 205 8.18 8.24 -1.24
C ASN A 205 9.01 8.13 -2.53
N LEU A 206 8.46 7.47 -3.55
CA LEU A 206 9.22 7.39 -4.83
C LEU A 206 9.30 8.76 -5.53
N GLU A 207 8.32 9.62 -5.27
CA GLU A 207 8.40 10.98 -5.80
C GLU A 207 9.46 11.78 -5.04
N LEU A 208 9.50 11.64 -3.71
CA LEU A 208 10.57 12.25 -2.91
C LEU A 208 11.95 11.78 -3.32
N TYR A 209 12.10 10.46 -3.54
CA TYR A 209 13.38 9.92 -3.94
C TYR A 209 13.83 10.52 -5.29
N GLU A 210 12.91 10.57 -6.22
CA GLU A 210 13.30 11.10 -7.53
C GLU A 210 13.67 12.61 -7.41
N ASN A 211 12.85 13.35 -6.66
CA ASN A 211 13.21 14.78 -6.50
C ASN A 211 14.54 14.92 -5.81
N TRP A 212 14.84 14.08 -4.79
CA TRP A 212 16.12 14.15 -4.07
C TRP A 212 17.28 13.83 -5.01
N LEU A 213 17.08 12.80 -5.89
CA LEU A 213 18.07 12.52 -6.91
C LEU A 213 18.28 13.73 -7.84
N LEU A 214 17.21 14.35 -8.32
CA LEU A 214 17.32 15.48 -9.23
C LEU A 214 17.86 16.74 -8.56
N SER A 215 17.87 16.80 -7.24
CA SER A 215 18.30 18.05 -6.50
C SER A 215 19.81 18.08 -6.40
N GLY A 216 20.40 16.88 -6.44
CA GLY A 216 21.79 16.66 -6.16
C GLY A 216 22.28 16.97 -4.75
N LYS A 217 21.39 16.95 -3.73
CA LYS A 217 21.81 17.20 -2.33
C LYS A 217 21.86 15.93 -1.50
N GLN A 218 22.25 14.82 -2.12
CA GLN A 218 22.16 13.59 -1.35
C GLN A 218 23.06 13.58 -0.08
N GLY A 219 24.18 14.31 -0.19
CA GLY A 219 25.12 14.47 0.94
C GLY A 219 24.60 15.40 2.02
N ASP A 220 23.63 16.21 1.66
CA ASP A 220 23.03 17.16 2.65
C ASP A 220 21.72 16.71 3.32
N ILE A 221 20.92 15.89 2.63
CA ILE A 221 19.59 15.52 3.09
C ILE A 221 19.64 14.02 3.32
N PHE A 222 19.48 13.62 4.57
CA PHE A 222 19.42 12.18 4.88
C PHE A 222 18.02 11.75 4.56
N LEU A 223 17.82 10.89 3.54
CA LEU A 223 16.47 10.80 2.98
C LEU A 223 15.47 10.21 4.00
N GLY A 224 15.96 9.39 4.94
CA GLY A 224 15.05 8.76 5.95
C GLY A 224 14.41 9.77 6.90
N ASP A 225 14.97 10.98 6.93
CA ASP A 225 14.36 12.09 7.71
C ASP A 225 13.22 12.80 6.98
N ARG A 226 13.11 12.58 5.66
CA ARG A 226 12.11 13.22 4.81
C ARG A 226 10.80 12.44 4.66
N VAL A 227 10.77 11.21 5.19
CA VAL A 227 9.60 10.37 5.01
C VAL A 227 8.86 10.14 6.29
N SER A 228 7.64 9.68 6.19
CA SER A 228 6.80 9.49 7.40
C SER A 228 7.26 8.31 8.23
N ASP A 229 7.75 7.24 7.58
CA ASP A 229 8.12 6.03 8.32
C ASP A 229 9.32 5.41 7.68
N CYS A 230 10.37 5.20 8.49
CA CYS A 230 11.58 4.57 8.02
C CYS A 230 11.96 3.56 9.10
N GLN A 231 12.50 2.42 8.71
CA GLN A 231 12.95 1.43 9.70
C GLN A 231 14.46 1.30 9.61
N ARG A 232 15.17 1.46 10.73
CA ARG A 232 16.58 1.10 10.78
C ARG A 232 16.66 -0.26 11.51
N ILE A 233 17.35 -1.19 10.88
CA ILE A 233 17.45 -2.53 11.39
C ILE A 233 18.85 -3.10 11.21
N GLU A 234 19.30 -3.84 12.20
CA GLU A 234 20.63 -4.47 12.13
C GLU A 234 20.59 -5.91 11.64
N LEU A 235 21.48 -6.24 10.72
CA LEU A 235 21.55 -7.62 10.23
C LEU A 235 22.81 -8.22 10.82
N LYS A 236 22.71 -9.35 11.46
CA LYS A 236 23.85 -9.98 12.13
C LYS A 236 24.44 -11.09 11.26
N GLN A 237 25.61 -11.58 11.68
CA GLN A 237 26.27 -12.65 10.96
C GLN A 237 25.36 -13.86 10.77
N GLY A 238 25.32 -14.42 9.56
CA GLY A 238 24.45 -15.55 9.31
C GLY A 238 23.04 -15.22 8.87
N TYR A 239 22.60 -13.96 8.99
CA TYR A 239 21.24 -13.61 8.53
C TYR A 239 21.20 -13.54 7.05
N THR A 240 20.03 -13.78 6.51
CA THR A 240 19.78 -13.60 5.05
C THR A 240 18.62 -12.63 4.94
N PHE A 241 18.77 -11.62 4.07
CA PHE A 241 17.79 -10.56 3.94
C PHE A 241 17.32 -10.54 2.48
N VAL A 242 16.05 -10.31 2.25
CA VAL A 242 15.51 -10.18 0.92
C VAL A 242 14.81 -8.85 0.86
N ILE A 243 15.25 -8.00 -0.06
CA ILE A 243 14.65 -6.70 -0.25
C ILE A 243 13.72 -6.69 -1.47
N PRO A 244 12.45 -6.27 -1.35
CA PRO A 244 11.53 -6.35 -2.48
C PRO A 244 11.81 -5.20 -3.50
N SER A 245 11.26 -5.35 -4.70
CA SER A 245 11.36 -4.31 -5.75
C SER A 245 10.99 -2.92 -5.18
N GLY A 246 11.82 -1.93 -5.52
CA GLY A 246 11.42 -0.55 -5.31
C GLY A 246 11.91 0.01 -3.99
N TRP A 247 12.32 -0.87 -3.03
CA TRP A 247 12.58 -0.35 -1.68
C TRP A 247 13.83 0.53 -1.65
N ILE A 248 13.64 1.70 -1.02
CA ILE A 248 14.71 2.75 -1.04
C ILE A 248 15.52 2.48 0.24
N HIS A 249 16.83 2.20 0.13
CA HIS A 249 17.60 1.79 1.32
C HIS A 249 18.98 2.38 1.31
N ALA A 250 19.50 2.56 2.53
CA ALA A 250 20.92 2.93 2.76
C ALA A 250 21.56 1.93 3.73
N VAL A 251 22.89 1.82 3.73
CA VAL A 251 23.49 0.73 4.45
C VAL A 251 24.76 1.21 5.12
N TYR A 252 24.94 0.87 6.42
CA TYR A 252 26.17 1.25 7.11
C TYR A 252 26.85 -0.01 7.61
N THR A 253 28.19 0.01 7.63
CA THR A 253 28.95 -1.21 8.00
C THR A 253 29.69 -1.02 9.34
N PRO A 254 29.19 -1.64 10.42
CA PRO A 254 29.80 -1.31 11.72
C PRO A 254 31.07 -2.10 12.04
N THR A 255 31.43 -3.04 11.17
CA THR A 255 32.60 -3.91 11.44
C THR A 255 33.03 -4.47 10.12
N ASP A 256 34.28 -4.86 9.95
CA ASP A 256 34.71 -5.39 8.64
C ASP A 256 33.79 -6.55 8.26
N THR A 257 33.23 -6.52 7.06
CA THR A 257 32.23 -7.52 6.68
C THR A 257 32.38 -8.10 5.28
N LEU A 258 31.99 -9.35 5.13
CA LEU A 258 31.93 -10.04 3.85
C LEU A 258 30.50 -10.51 3.60
N VAL A 259 29.89 -10.02 2.53
CA VAL A 259 28.52 -10.41 2.16
C VAL A 259 28.48 -11.06 0.80
N PHE A 260 27.57 -12.04 0.65
CA PHE A 260 27.29 -12.56 -0.66
C PHE A 260 25.83 -12.23 -0.96
N GLY A 261 25.52 -11.78 -2.19
CA GLY A 261 24.16 -11.31 -2.44
C GLY A 261 23.93 -11.22 -3.93
N GLY A 262 22.74 -10.78 -4.34
CA GLY A 262 22.50 -10.67 -5.76
C GLY A 262 21.13 -10.13 -6.07
N ASN A 263 20.88 -9.93 -7.37
CA ASN A 263 19.71 -9.19 -7.77
C ASN A 263 18.89 -10.13 -8.65
N PHE A 264 17.58 -9.84 -8.72
CA PHE A 264 16.67 -10.58 -9.63
C PHE A 264 15.44 -9.80 -9.96
N LEU A 265 15.00 -9.89 -11.22
CA LEU A 265 13.62 -9.51 -11.60
C LEU A 265 12.71 -10.71 -11.48
N HIS A 266 11.43 -10.47 -11.25
CA HIS A 266 10.47 -11.63 -11.21
C HIS A 266 9.12 -11.17 -11.69
N SER A 267 8.19 -12.14 -11.77
CA SER A 267 6.96 -11.86 -12.46
C SER A 267 5.84 -11.31 -11.58
N PHE A 268 6.12 -11.16 -10.29
CA PHE A 268 5.05 -10.80 -9.36
C PHE A 268 4.99 -9.35 -8.94
N ASN A 269 5.99 -8.56 -9.35
CA ASN A 269 5.91 -7.09 -9.12
C ASN A 269 6.48 -6.34 -10.28
N ILE A 270 6.01 -6.71 -11.49
CA ILE A 270 6.44 -6.02 -12.71
C ILE A 270 6.06 -4.53 -12.73
N PRO A 271 4.90 -4.10 -12.19
CA PRO A 271 4.64 -2.67 -12.23
C PRO A 271 5.70 -1.87 -11.49
N MET A 272 6.16 -2.38 -10.34
CA MET A 272 7.21 -1.65 -9.63
C MET A 272 8.54 -1.70 -10.38
N GLN A 273 8.83 -2.83 -11.01
CA GLN A 273 10.08 -2.93 -11.76
C GLN A 273 10.08 -1.86 -12.86
N LEU A 274 8.96 -1.73 -13.57
CA LEU A 274 8.84 -0.75 -14.65
C LEU A 274 8.91 0.71 -14.10
N LYS A 275 8.31 0.91 -12.91
CA LYS A 275 8.32 2.25 -12.29
C LYS A 275 9.79 2.66 -12.01
N ILE A 276 10.58 1.74 -11.47
CA ILE A 276 11.94 2.07 -11.13
C ILE A 276 12.79 2.35 -12.38
N TYR A 277 12.63 1.45 -13.40
CA TYR A 277 13.29 1.69 -14.68
C TYR A 277 13.01 3.14 -15.14
N SER A 278 11.76 3.59 -15.07
CA SER A 278 11.48 4.95 -15.57
CA SER A 278 11.44 4.93 -15.56
C SER A 278 12.06 6.05 -14.73
N ILE A 279 12.19 5.83 -13.41
CA ILE A 279 12.92 6.81 -12.62
C ILE A 279 14.36 6.91 -13.11
N GLU A 280 15.03 5.77 -13.40
CA GLU A 280 16.42 5.79 -13.87
C GLU A 280 16.49 6.56 -15.20
N ASP A 281 15.49 6.35 -16.07
CA ASP A 281 15.48 7.07 -17.37
CA ASP A 281 15.44 7.06 -17.37
C ASP A 281 15.38 8.59 -17.12
N ARG A 282 14.47 9.01 -16.24
CA ARG A 282 14.25 10.47 -16.04
C ARG A 282 15.41 11.11 -15.36
N THR A 283 16.11 10.34 -14.52
CA THR A 283 17.21 10.94 -13.75
C THR A 283 18.54 10.74 -14.48
N ARG A 284 18.49 10.20 -15.69
CA ARG A 284 19.68 10.05 -16.57
C ARG A 284 20.80 9.19 -15.95
N VAL A 285 20.42 8.07 -15.33
CA VAL A 285 21.43 7.18 -14.80
C VAL A 285 22.19 6.57 -16.03
N PRO A 286 23.57 6.61 -16.04
CA PRO A 286 24.42 6.03 -17.13
C PRO A 286 24.13 4.52 -17.23
N ASN A 287 24.15 4.01 -18.46
CA ASN A 287 23.82 2.59 -18.63
C ASN A 287 24.66 1.64 -17.81
N LYS A 288 25.89 2.04 -17.49
CA LYS A 288 26.72 1.07 -16.77
C LYS A 288 26.11 0.69 -15.40
N PHE A 289 25.27 1.56 -14.85
CA PHE A 289 24.71 1.33 -13.50
C PHE A 289 23.31 0.76 -13.58
N ARG A 290 22.95 0.19 -14.73
CA ARG A 290 21.54 -0.24 -14.94
C ARG A 290 21.55 -1.77 -15.20
N TYR A 291 20.36 -2.34 -15.12
CA TYR A 291 20.23 -3.79 -15.41
C TYR A 291 20.46 -4.07 -16.94
N PRO A 292 21.43 -4.91 -17.27
CA PRO A 292 21.75 -5.16 -18.70
C PRO A 292 20.58 -5.81 -19.39
N PHE A 293 20.29 -5.34 -20.62
CA PHE A 293 19.25 -5.98 -21.49
C PHE A 293 17.87 -6.01 -20.88
N TYR A 294 17.48 -4.92 -20.20
CA TYR A 294 16.23 -4.93 -19.47
C TYR A 294 15.01 -5.15 -20.38
N TYR A 295 14.83 -4.33 -21.42
CA TYR A 295 13.63 -4.55 -22.27
C TYR A 295 13.74 -5.79 -23.08
N GLU A 296 14.95 -6.22 -23.48
CA GLU A 296 15.13 -7.54 -24.15
C GLU A 296 14.55 -8.62 -23.25
N MET A 297 14.93 -8.61 -21.96
CA MET A 297 14.39 -9.58 -21.08
C MET A 297 12.86 -9.52 -21.02
N CYS A 298 12.29 -8.30 -20.95
CA CYS A 298 10.81 -8.15 -20.82
C CYS A 298 10.14 -8.80 -22.04
N TRP A 299 10.75 -8.62 -23.24
CA TRP A 299 10.15 -9.32 -24.46
C TRP A 299 10.21 -10.86 -24.28
N TYR A 300 11.29 -11.38 -23.76
CA TYR A 300 11.40 -12.83 -23.60
C TYR A 300 10.35 -13.30 -22.54
N VAL A 301 10.01 -12.46 -21.53
CA VAL A 301 9.01 -12.82 -20.54
C VAL A 301 7.65 -12.99 -21.18
N LEU A 302 7.26 -12.03 -21.98
CA LEU A 302 5.97 -12.14 -22.70
C LEU A 302 5.95 -13.40 -23.51
N GLU A 303 7.04 -13.68 -24.23
CA GLU A 303 7.02 -14.90 -25.08
C GLU A 303 6.91 -16.19 -24.24
N ARG A 304 7.59 -16.28 -23.08
CA ARG A 304 7.50 -17.45 -22.26
C ARG A 304 6.09 -17.65 -21.70
N TYR A 305 5.40 -16.58 -21.27
CA TYR A 305 4.06 -16.78 -20.72
C TYR A 305 3.10 -17.29 -21.79
N VAL A 306 3.22 -16.69 -22.97
CA VAL A 306 2.32 -17.14 -24.10
C VAL A 306 2.67 -18.58 -24.45
N TYR A 307 3.97 -18.92 -24.56
CA TYR A 307 4.31 -20.32 -24.94
C TYR A 307 3.83 -21.32 -23.86
N CYS A 308 4.21 -21.04 -22.61
CA CYS A 308 3.91 -21.97 -21.51
C CYS A 308 2.42 -22.17 -21.39
N ILE A 309 1.60 -21.17 -21.67
CA ILE A 309 0.17 -21.29 -21.42
C ILE A 309 -0.52 -21.86 -22.66
N THR A 310 -0.08 -21.43 -23.83
CA THR A 310 -0.91 -21.69 -25.06
C THR A 310 -0.20 -22.58 -26.06
N ASN A 311 1.07 -22.94 -25.80
CA ASN A 311 1.95 -23.64 -26.72
C ASN A 311 2.24 -22.94 -28.06
N ARG A 312 1.94 -21.66 -28.17
CA ARG A 312 2.31 -20.87 -29.34
C ARG A 312 3.66 -20.20 -29.09
N SER A 313 4.68 -20.56 -29.89
CA SER A 313 5.99 -19.91 -29.74
C SER A 313 6.09 -18.65 -30.55
N HIS A 314 6.71 -17.59 -30.03
CA HIS A 314 7.07 -16.39 -30.82
C HIS A 314 8.56 -16.19 -30.92
N LEU A 315 9.31 -17.30 -30.69
CA LEU A 315 10.76 -17.30 -30.94
C LEU A 315 11.02 -17.72 -32.41
N THR A 316 12.17 -17.27 -32.93
CA THR A 316 12.52 -17.76 -34.28
C THR A 316 12.66 -19.28 -34.30
N LYS A 317 12.51 -19.87 -35.49
CA LYS A 317 12.79 -21.33 -35.62
C LYS A 317 14.16 -21.75 -35.04
N ASP A 318 15.21 -20.99 -35.37
CA ASP A 318 16.54 -21.35 -34.86
C ASP A 318 16.53 -21.36 -33.31
N PHE A 319 15.87 -20.36 -32.70
CA PHE A 319 15.83 -20.34 -31.25
C PHE A 319 15.00 -21.47 -30.66
N GLN A 320 13.92 -21.83 -31.37
CA GLN A 320 13.13 -22.98 -30.95
C GLN A 320 13.97 -24.28 -30.98
N LYS A 321 14.76 -24.47 -32.07
CA LYS A 321 15.61 -25.65 -32.13
C LYS A 321 16.69 -25.65 -31.07
N GLU A 322 17.24 -24.49 -30.74
CA GLU A 322 18.24 -24.42 -29.64
C GLU A 322 17.59 -24.86 -28.33
N SER A 323 16.33 -24.44 -28.13
CA SER A 323 15.65 -24.83 -26.90
C SER A 323 15.29 -26.35 -26.84
N LEU A 324 14.79 -26.85 -27.95
CA LEU A 324 14.45 -28.26 -28.04
C LEU A 324 15.67 -29.15 -27.81
N SER A 325 16.84 -28.77 -28.34
CA SER A 325 18.07 -29.52 -28.05
C SER A 325 18.35 -29.56 -26.56
N MET A 326 18.17 -28.43 -25.90
CA MET A 326 18.43 -28.46 -24.47
C MET A 326 17.38 -29.28 -23.67
N ASP A 327 16.15 -29.34 -24.18
CA ASP A 327 15.06 -30.21 -23.54
C ASP A 327 15.43 -31.67 -23.63
N MET A 328 16.25 -32.04 -24.62
CA MET A 328 16.58 -33.46 -24.79
C MET A 328 17.87 -33.83 -24.07
N GLU A 329 18.49 -32.91 -23.33
CA GLU A 329 19.73 -33.24 -22.67
C GLU A 329 19.46 -34.15 -21.47
N GLN B 1 -8.39 -21.62 -18.34
CA GLN B 1 -8.24 -22.99 -17.77
C GLN B 1 -7.12 -22.92 -16.73
N VAL B 2 -5.97 -22.24 -16.98
CA VAL B 2 -5.01 -22.06 -15.83
C VAL B 2 -5.36 -20.79 -15.06
N HIS B 3 -4.96 -20.74 -13.80
CA HIS B 3 -5.24 -19.56 -12.98
C HIS B 3 -3.95 -18.87 -12.62
N LEU B 4 -3.87 -17.64 -13.08
CA LEU B 4 -2.74 -16.74 -12.71
C LEU B 4 -3.11 -15.91 -11.49
N THR B 5 -2.10 -15.49 -10.76
CA THR B 5 -2.33 -14.50 -9.68
C THR B 5 -2.66 -13.14 -10.23
N HIS B 6 -3.35 -12.33 -9.42
CA HIS B 6 -3.63 -11.00 -9.88
C HIS B 6 -2.30 -10.23 -10.00
N PHE B 7 -1.30 -10.60 -9.19
CA PHE B 7 0.06 -9.96 -9.29
C PHE B 7 0.54 -10.10 -10.74
N GLU B 8 0.44 -11.31 -11.31
CA GLU B 8 0.93 -11.55 -12.71
C GLU B 8 0.05 -10.90 -13.73
N LEU B 9 -1.29 -10.98 -13.56
CA LEU B 9 -2.18 -10.50 -14.57
C LEU B 9 -2.02 -8.96 -14.69
N GLU B 10 -1.89 -8.28 -13.56
CA GLU B 10 -1.71 -6.85 -13.59
C GLU B 10 -0.34 -6.48 -14.18
N GLY B 11 0.68 -7.24 -13.79
CA GLY B 11 2.05 -6.98 -14.28
C GLY B 11 2.17 -7.26 -15.76
N LEU B 12 1.55 -8.34 -16.28
CA LEU B 12 1.66 -8.61 -17.73
C LEU B 12 0.91 -7.55 -18.57
N ARG B 13 -0.19 -7.05 -18.03
CA ARG B 13 -0.87 -5.95 -18.68
C ARG B 13 -0.01 -4.69 -18.70
N CYS B 14 0.67 -4.38 -17.59
CA CYS B 14 1.60 -3.23 -17.61
C CYS B 14 2.72 -3.45 -18.63
N LEU B 15 3.22 -4.68 -18.73
CA LEU B 15 4.39 -4.94 -19.55
C LEU B 15 3.99 -4.86 -21.01
N VAL B 16 2.85 -5.43 -21.42
CA VAL B 16 2.46 -5.35 -22.80
C VAL B 16 2.18 -3.90 -23.22
N ASP B 17 1.60 -3.10 -22.31
CA ASP B 17 1.30 -1.70 -22.67
C ASP B 17 2.62 -0.92 -22.82
N LYS B 18 3.59 -1.25 -21.94
CA LYS B 18 4.89 -0.60 -21.94
C LYS B 18 5.62 -0.89 -23.28
N LEU B 19 5.79 -2.17 -23.62
CA LEU B 19 6.65 -2.54 -24.75
C LEU B 19 6.02 -2.10 -26.05
N GLU B 20 4.69 -2.16 -26.11
CA GLU B 20 4.00 -1.74 -27.34
C GLU B 20 4.17 -0.27 -27.71
N SER B 21 4.30 0.56 -26.68
CA SER B 21 4.33 2.00 -26.83
C SER B 21 5.73 2.60 -26.87
N LEU B 22 6.76 1.77 -26.84
CA LEU B 22 8.13 2.29 -26.97
C LEU B 22 8.36 2.54 -28.47
N PRO B 23 9.01 3.66 -28.83
CA PRO B 23 9.38 3.81 -30.22
C PRO B 23 10.46 2.77 -30.67
N LEU B 24 10.63 2.61 -31.99
CA LEU B 24 11.52 1.58 -32.49
C LEU B 24 12.95 1.64 -31.92
N HIS B 25 13.51 2.85 -31.71
CA HIS B 25 14.90 2.95 -31.22
C HIS B 25 15.03 2.68 -29.75
N LYS B 26 13.89 2.49 -29.03
CA LYS B 26 13.96 2.18 -27.60
C LYS B 26 13.34 0.80 -27.30
N LYS B 27 12.73 0.18 -28.29
CA LYS B 27 11.93 -1.05 -28.04
C LYS B 27 12.80 -2.24 -27.66
N CYS B 28 14.03 -2.29 -28.20
CA CYS B 28 15.00 -3.36 -27.84
C CYS B 28 14.39 -4.75 -28.07
N VAL B 29 13.67 -4.99 -29.18
CA VAL B 29 13.24 -6.36 -29.49
C VAL B 29 14.49 -7.26 -29.65
N PRO B 30 14.61 -8.32 -28.82
CA PRO B 30 15.82 -9.12 -28.90
C PRO B 30 15.88 -10.11 -30.09
N THR B 31 17.08 -10.64 -30.32
CA THR B 31 17.36 -11.45 -31.48
C THR B 31 16.49 -12.67 -31.56
N GLY B 32 16.09 -13.25 -30.45
CA GLY B 32 15.30 -14.53 -30.61
C GLY B 32 13.84 -14.34 -30.96
N ILE B 33 13.32 -13.09 -30.88
CA ILE B 33 11.89 -12.89 -31.10
C ILE B 33 11.61 -12.79 -32.59
N GLU B 34 10.60 -13.50 -33.03
CA GLU B 34 10.19 -13.53 -34.42
C GLU B 34 9.35 -12.25 -34.69
N ASP B 35 8.04 -12.33 -34.49
CA ASP B 35 7.17 -11.18 -34.89
C ASP B 35 6.61 -10.52 -33.60
N GLU B 36 7.24 -9.43 -33.19
CA GLU B 36 6.83 -8.91 -31.87
C GLU B 36 5.40 -8.35 -31.85
N ASP B 37 4.88 -7.90 -33.00
CA ASP B 37 3.47 -7.43 -33.03
C ASP B 37 2.53 -8.60 -32.85
N ALA B 38 2.85 -9.76 -33.41
CA ALA B 38 1.97 -10.90 -33.17
C ALA B 38 2.05 -11.40 -31.74
N LEU B 39 3.24 -11.33 -31.15
CA LEU B 39 3.36 -11.60 -29.74
C LEU B 39 2.48 -10.66 -28.86
N ILE B 40 2.53 -9.37 -29.09
CA ILE B 40 1.76 -8.37 -28.32
C ILE B 40 0.26 -8.73 -28.48
N ALA B 41 -0.15 -9.02 -29.70
CA ALA B 41 -1.54 -9.41 -29.96
C ALA B 41 -1.96 -10.68 -29.17
N ASP B 42 -1.11 -11.72 -29.10
CA ASP B 42 -1.42 -12.92 -28.40
C ASP B 42 -1.50 -12.72 -26.90
N VAL B 43 -0.65 -11.85 -26.37
CA VAL B 43 -0.66 -11.56 -24.95
C VAL B 43 -2.02 -10.91 -24.58
N LYS B 44 -2.48 -9.98 -25.40
CA LYS B 44 -3.75 -9.27 -25.11
C LYS B 44 -4.90 -10.28 -25.07
N ILE B 45 -4.90 -11.22 -26.03
CA ILE B 45 -5.93 -12.23 -26.05
C ILE B 45 -5.87 -13.07 -24.81
N LEU B 46 -4.64 -13.45 -24.43
CA LEU B 46 -4.49 -14.36 -23.32
C LEU B 46 -4.94 -13.64 -22.04
N LEU B 47 -4.62 -12.34 -21.90
CA LEU B 47 -5.01 -11.61 -20.70
C LEU B 47 -6.51 -11.50 -20.55
N GLU B 48 -7.21 -11.30 -21.66
CA GLU B 48 -8.70 -11.37 -21.61
C GLU B 48 -9.20 -12.72 -21.10
N GLU B 49 -8.61 -13.77 -21.61
CA GLU B 49 -9.03 -15.13 -21.26
C GLU B 49 -8.73 -15.51 -19.81
N LEU B 50 -7.69 -14.91 -19.25
CA LEU B 50 -7.25 -15.28 -17.91
C LEU B 50 -7.81 -14.33 -16.84
N ALA B 51 -8.58 -13.37 -17.29
CA ALA B 51 -9.04 -12.33 -16.43
C ALA B 51 -9.94 -12.88 -15.34
N SER B 52 -10.55 -14.04 -15.56
CA SER B 52 -11.39 -14.59 -14.50
C SER B 52 -10.70 -15.72 -13.72
N SER B 53 -9.37 -15.69 -13.67
CA SER B 53 -8.62 -16.56 -12.80
C SER B 53 -9.15 -16.53 -11.39
N ASP B 54 -9.16 -17.65 -10.73
CA ASP B 54 -9.59 -17.68 -9.35
C ASP B 54 -8.39 -17.54 -8.41
N PRO B 55 -8.46 -16.58 -7.47
CA PRO B 55 -7.31 -16.33 -6.62
C PRO B 55 -6.81 -17.47 -5.77
N LYS B 56 -7.69 -18.34 -5.30
CA LYS B 56 -7.24 -19.47 -4.50
C LYS B 56 -6.65 -20.58 -5.40
N LEU B 57 -7.28 -20.86 -6.53
CA LEU B 57 -6.75 -21.87 -7.42
C LEU B 57 -5.41 -21.47 -8.04
N ALA B 58 -5.14 -20.14 -8.13
CA ALA B 58 -3.77 -19.73 -8.58
C ALA B 58 -2.64 -20.13 -7.61
N LEU B 59 -2.95 -20.43 -6.35
CA LEU B 59 -1.89 -20.69 -5.37
C LEU B 59 -1.45 -22.14 -5.41
N THR B 60 -0.85 -22.52 -6.52
CA THR B 60 -0.43 -23.91 -6.76
C THR B 60 0.88 -24.24 -6.13
N GLY B 61 1.73 -23.24 -5.80
CA GLY B 61 3.06 -23.53 -5.38
C GLY B 61 4.08 -23.89 -6.46
N VAL B 62 3.67 -23.81 -7.72
CA VAL B 62 4.60 -24.01 -8.85
C VAL B 62 4.42 -22.92 -9.90
N PRO B 63 5.53 -22.34 -10.37
CA PRO B 63 5.32 -21.23 -11.32
C PRO B 63 4.75 -21.77 -12.65
N ILE B 64 3.93 -20.96 -13.31
CA ILE B 64 3.42 -21.23 -14.63
C ILE B 64 4.54 -21.34 -15.66
N VAL B 65 5.60 -20.55 -15.49
CA VAL B 65 6.75 -20.58 -16.48
C VAL B 65 7.88 -21.38 -15.83
N GLN B 66 8.18 -22.55 -16.41
CA GLN B 66 9.30 -23.42 -15.94
C GLN B 66 9.81 -24.12 -17.19
N TRP B 67 11.09 -24.49 -17.20
CA TRP B 67 11.60 -25.27 -18.34
C TRP B 67 11.17 -26.72 -18.21
N PRO B 68 10.87 -27.41 -19.36
CA PRO B 68 10.33 -28.82 -19.48
C PRO B 68 11.17 -29.83 -18.76
N ARG C 1 -29.95 -16.44 0.37
CA ARG C 1 -28.47 -16.72 0.02
C ARG C 1 -28.18 -18.06 -0.65
N THR C 2 -27.34 -18.05 -1.69
CA THR C 2 -26.95 -19.27 -2.43
C THR C 2 -25.64 -19.88 -1.88
N PHE C 3 -24.98 -19.11 -1.00
CA PHE C 3 -23.71 -19.56 -0.39
C PHE C 3 -24.02 -19.94 1.06
N ASP C 4 -23.15 -20.70 1.71
CA ASP C 4 -23.38 -21.20 3.09
C ASP C 4 -22.59 -20.35 4.01
N LEU C 5 -23.31 -19.51 4.76
CA LEU C 5 -22.69 -18.57 5.68
C LEU C 5 -21.84 -19.28 6.72
N GLU C 6 -22.30 -20.44 7.10
CA GLU C 6 -21.64 -21.23 8.16
C GLU C 6 -20.19 -21.60 7.75
N GLU C 7 -20.01 -21.97 6.48
CA GLU C 7 -18.66 -22.28 5.99
C GLU C 7 -17.75 -21.02 6.06
N LYS C 8 -18.32 -19.85 5.67
CA LYS C 8 -17.58 -18.56 5.67
C LYS C 8 -17.07 -18.15 7.09
N LEU C 9 -17.77 -18.60 8.12
CA LEU C 9 -17.39 -18.33 9.49
C LEU C 9 -16.42 -19.33 10.05
N GLN C 10 -16.37 -20.50 9.41
CA GLN C 10 -15.52 -21.57 9.92
C GLN C 10 -14.16 -21.68 9.23
N THR C 11 -14.10 -21.39 7.91
CA THR C 11 -12.82 -21.50 7.11
C THR C 11 -11.63 -20.66 7.68
N ASN C 12 -10.37 -21.09 7.49
CA ASN C 12 -9.21 -20.21 7.78
C ASN C 12 -8.55 -19.52 6.61
N LYS C 13 -9.29 -19.47 5.52
CA LYS C 13 -8.78 -18.86 4.32
C LYS C 13 -8.68 -17.35 4.42
N TYR C 14 -9.44 -16.73 5.34
CA TYR C 14 -9.48 -15.25 5.38
C TYR C 14 -8.46 -14.75 6.38
N ASN C 15 -7.20 -15.05 6.09
CA ASN C 15 -6.17 -14.80 7.07
C ASN C 15 -5.21 -13.67 6.69
N ALA C 16 -5.66 -12.74 5.80
CA ALA C 16 -4.87 -11.54 5.53
C ALA C 16 -4.51 -10.74 6.80
N ASN C 17 -3.48 -9.95 6.72
CA ASN C 17 -2.95 -9.25 7.87
C ASN C 17 -3.14 -7.73 7.72
N PHE C 18 -4.34 -7.21 8.01
CA PHE C 18 -4.58 -5.77 7.71
C PHE C 18 -4.77 -4.94 8.96
N VAL C 19 -5.26 -5.53 10.04
CA VAL C 19 -5.67 -4.73 11.25
C VAL C 19 -4.48 -4.53 12.14
N THR C 20 -4.32 -3.32 12.67
CA THR C 20 -3.32 -2.98 13.67
C THR C 20 -4.01 -2.77 15.01
N PHE C 21 -3.52 -3.47 16.04
CA PHE C 21 -3.94 -3.23 17.42
C PHE C 21 -3.10 -2.10 18.00
N MET C 22 -3.79 -1.06 18.49
CA MET C 22 -3.12 0.14 18.92
C MET C 22 -3.56 0.52 20.34
N GLU C 23 -2.72 1.29 21.03
CA GLU C 23 -3.12 1.91 22.33
C GLU C 23 -3.85 3.22 22.03
N GLY C 24 -4.83 3.56 22.85
CA GLY C 24 -5.59 4.79 22.61
C GLY C 24 -4.75 6.03 22.55
N LYS C 25 -3.72 6.15 23.40
CA LYS C 25 -2.96 7.41 23.46
C LYS C 25 -2.12 7.66 22.17
N ASP C 26 -1.91 6.61 21.38
CA ASP C 26 -1.10 6.75 20.17
C ASP C 26 -1.99 7.17 18.98
N PHE C 27 -3.30 7.13 19.16
CA PHE C 27 -4.22 7.56 18.08
C PHE C 27 -4.49 9.05 18.21
N ASN C 28 -3.66 9.88 17.60
CA ASN C 28 -3.73 11.31 17.74
C ASN C 28 -3.62 11.99 16.41
N VAL C 29 -3.73 13.30 16.36
CA VAL C 29 -3.68 14.03 15.07
C VAL C 29 -2.31 13.73 14.37
N GLU C 30 -1.19 13.73 15.11
CA GLU C 30 0.08 13.46 14.44
C GLU C 30 0.05 12.12 13.72
N TYR C 31 -0.57 11.11 14.33
CA TYR C 31 -0.66 9.81 13.70
C TYR C 31 -1.44 9.85 12.39
N ILE C 32 -2.55 10.61 12.42
CA ILE C 32 -3.35 10.75 11.23
C ILE C 32 -2.52 11.47 10.17
N GLN C 33 -1.81 12.53 10.53
CA GLN C 33 -1.04 13.29 9.53
C GLN C 33 0.06 12.37 8.90
N ARG C 34 0.67 11.57 9.77
CA ARG C 34 1.79 10.70 9.36
C ARG C 34 1.34 9.56 8.41
N GLY C 35 0.24 8.90 8.78
CA GLY C 35 -0.23 7.70 8.13
C GLY C 35 -1.42 7.85 7.17
N GLY C 36 -2.17 8.95 7.25
CA GLY C 36 -3.36 9.18 6.38
C GLY C 36 -4.58 8.31 6.73
N LEU C 37 -4.56 7.70 7.92
CA LEU C 37 -5.65 6.82 8.44
C LEU C 37 -5.98 5.73 7.40
N ARG C 38 -4.93 5.00 6.99
CA ARG C 38 -5.11 4.02 5.91
C ARG C 38 -5.28 2.60 6.41
N ASP C 39 -5.01 2.38 7.70
CA ASP C 39 -5.07 1.04 8.24
C ASP C 39 -6.28 0.87 9.20
N PRO C 40 -6.99 -0.26 9.14
CA PRO C 40 -8.01 -0.57 10.16
C PRO C 40 -7.36 -0.75 11.52
N LEU C 41 -8.01 -0.23 12.57
CA LEU C 41 -7.41 -0.19 13.90
C LEU C 41 -8.35 -0.82 14.92
N ILE C 42 -7.78 -1.62 15.81
CA ILE C 42 -8.57 -2.09 16.98
C ILE C 42 -7.94 -1.60 18.25
N PHE C 43 -8.76 -1.03 19.16
CA PHE C 43 -8.34 -0.56 20.49
C PHE C 43 -9.01 -1.55 21.40
N LYS C 44 -8.22 -2.44 22.01
CA LYS C 44 -8.81 -3.47 22.92
C LYS C 44 -9.39 -2.91 24.18
N ASN C 45 -8.88 -1.79 24.64
CA ASN C 45 -9.43 -1.10 25.76
C ASN C 45 -9.63 0.37 25.37
N SER C 46 -10.35 1.10 26.21
CA SER C 46 -10.75 2.42 25.78
C SER C 46 -9.76 3.47 26.37
N ASP C 47 -8.67 3.02 27.02
CA ASP C 47 -7.79 3.98 27.65
C ASP C 47 -7.19 4.97 26.65
N GLY C 48 -7.18 6.25 26.97
CA GLY C 48 -6.54 7.28 26.13
C GLY C 48 -7.35 7.68 24.86
N LEU C 49 -8.50 7.04 24.61
CA LEU C 49 -9.33 7.36 23.40
C LEU C 49 -10.27 8.54 23.59
N GLY C 50 -10.62 8.88 24.83
CA GLY C 50 -11.54 9.96 25.08
C GLY C 50 -13.01 9.61 24.82
N ILE C 51 -13.36 8.30 24.81
CA ILE C 51 -14.78 7.93 24.57
C ILE C 51 -15.57 8.00 25.87
N LYS C 52 -16.89 8.08 25.76
CA LYS C 52 -17.77 7.95 26.98
C LYS C 52 -18.90 7.07 26.49
N MET C 53 -19.38 6.16 27.35
CA MET C 53 -20.46 5.26 26.96
C MET C 53 -21.43 5.13 28.11
N PRO C 54 -22.67 4.69 27.78
CA PRO C 54 -23.68 4.53 28.85
C PRO C 54 -23.27 3.35 29.79
N ASP C 55 -24.03 3.23 30.88
CA ASP C 55 -23.83 2.15 31.86
C ASP C 55 -23.65 0.85 31.17
N PRO C 56 -22.84 -0.06 31.72
CA PRO C 56 -22.58 -1.35 31.04
C PRO C 56 -23.79 -2.23 30.80
N ASP C 57 -24.78 -2.05 31.67
CA ASP C 57 -26.06 -2.82 31.61
C ASP C 57 -27.17 -2.03 30.92
N PHE C 58 -26.80 -0.97 30.19
CA PHE C 58 -27.84 -0.22 29.38
C PHE C 58 -28.57 -1.20 28.49
N THR C 59 -29.90 -1.05 28.46
CA THR C 59 -30.72 -1.95 27.67
C THR C 59 -31.31 -1.31 26.42
N VAL C 60 -31.90 -2.16 25.53
CA VAL C 60 -32.63 -1.64 24.41
C VAL C 60 -33.85 -0.82 24.87
N ASN C 61 -34.52 -1.23 25.95
CA ASN C 61 -35.59 -0.37 26.45
C ASN C 61 -35.04 0.96 26.92
N ASP C 62 -33.80 0.96 27.43
CA ASP C 62 -33.21 2.28 27.79
C ASP C 62 -32.95 3.14 26.52
N VAL C 63 -32.53 2.50 25.40
CA VAL C 63 -32.40 3.24 24.15
C VAL C 63 -33.78 3.83 23.82
N LYS C 64 -34.81 2.98 23.86
CA LYS C 64 -36.17 3.45 23.46
C LYS C 64 -36.61 4.66 24.34
N MET C 65 -36.40 4.56 25.66
CA MET C 65 -36.81 5.67 26.55
C MET C 65 -36.02 6.93 26.27
N CYS C 66 -34.80 6.80 25.76
CA CYS C 66 -33.98 8.00 25.45
C CYS C 66 -34.29 8.64 24.11
N VAL C 67 -34.77 7.86 23.15
CA VAL C 67 -35.11 8.36 21.82
C VAL C 67 -36.62 8.49 21.55
N GLY C 68 -37.45 7.79 22.30
CA GLY C 68 -38.90 7.89 22.16
C GLY C 68 -39.51 6.58 21.65
N SER C 69 -40.50 6.08 22.36
CA SER C 69 -41.19 4.84 21.93
C SER C 69 -41.73 4.94 20.53
N ARG C 70 -42.11 6.14 20.09
CA ARG C 70 -42.72 6.28 18.77
C ARG C 70 -41.71 6.60 17.65
N ARG C 71 -40.43 6.77 18.00
CA ARG C 71 -39.40 6.99 16.97
C ARG C 71 -39.39 5.81 15.99
N MET C 72 -39.54 6.17 14.71
CA MET C 72 -39.44 5.18 13.64
C MET C 72 -37.98 4.84 13.36
N VAL C 73 -37.72 3.54 13.22
CA VAL C 73 -36.36 3.02 12.99
C VAL C 73 -36.34 2.18 11.75
N ASP C 74 -35.26 2.31 10.98
CA ASP C 74 -35.04 1.36 9.85
C ASP C 74 -34.49 0.04 10.36
N VAL C 75 -35.13 -1.04 9.91
CA VAL C 75 -34.77 -2.39 10.34
C VAL C 75 -34.28 -3.16 9.08
N MET C 76 -33.34 -4.07 9.24
CA MET C 76 -32.94 -4.93 8.09
C MET C 76 -33.53 -6.32 8.36
N ASP C 77 -34.28 -6.85 7.41
CA ASP C 77 -34.60 -8.29 7.34
C ASP C 77 -33.33 -9.07 6.88
N VAL C 78 -32.69 -9.80 7.78
CA VAL C 78 -31.33 -10.38 7.58
C VAL C 78 -31.32 -11.41 6.45
N ASN C 79 -32.42 -12.12 6.28
CA ASN C 79 -32.53 -13.09 5.18
C ASN C 79 -32.38 -12.48 3.82
N THR C 80 -32.92 -11.28 3.66
CA THR C 80 -32.93 -10.69 2.35
C THR C 80 -32.03 -9.44 2.24
N GLN C 81 -31.40 -9.00 3.34
CA GLN C 81 -30.70 -7.68 3.37
C GLN C 81 -31.56 -6.49 2.93
N LYS C 82 -32.87 -6.67 2.87
CA LYS C 82 -33.71 -5.56 2.52
C LYS C 82 -34.00 -4.89 3.88
N GLY C 83 -34.68 -3.73 3.78
CA GLY C 83 -35.08 -2.88 4.92
C GLY C 83 -36.59 -2.75 5.10
N ILE C 84 -37.01 -2.52 6.35
CA ILE C 84 -38.42 -2.25 6.66
C ILE C 84 -38.38 -1.20 7.84
N GLU C 85 -39.55 -0.79 8.32
CA GLU C 85 -39.64 0.24 9.44
C GLU C 85 -40.53 -0.22 10.57
N MET C 86 -40.13 0.07 11.80
CA MET C 86 -41.05 -0.13 12.93
C MET C 86 -40.74 0.93 14.00
N THR C 87 -41.61 1.05 14.99
CA THR C 87 -41.32 2.05 16.02
C THR C 87 -40.31 1.49 16.97
N MET C 88 -39.67 2.36 17.78
CA MET C 88 -38.73 1.84 18.76
C MET C 88 -39.41 0.97 19.79
N ALA C 89 -40.69 1.16 20.11
CA ALA C 89 -41.33 0.27 21.03
C ALA C 89 -41.51 -1.10 20.44
N GLN C 90 -41.83 -1.15 19.16
CA GLN C 90 -41.94 -2.45 18.44
C GLN C 90 -40.59 -3.14 18.35
N TRP C 91 -39.53 -2.34 18.04
CA TRP C 91 -38.20 -2.96 18.02
C TRP C 91 -37.79 -3.54 19.37
N THR C 92 -38.10 -2.81 20.46
CA THR C 92 -37.76 -3.22 21.78
C THR C 92 -38.46 -4.54 22.11
N ARG C 93 -39.75 -4.67 21.74
CA ARG C 93 -40.47 -5.91 21.98
C ARG C 93 -39.80 -7.07 21.20
N TYR C 94 -39.41 -6.82 19.91
CA TYR C 94 -38.68 -7.83 19.14
C TYR C 94 -37.38 -8.25 19.86
N TYR C 95 -36.60 -7.27 20.28
CA TYR C 95 -35.25 -7.58 20.80
C TYR C 95 -35.36 -8.28 22.13
N GLU C 96 -36.42 -7.95 22.89
CA GLU C 96 -36.60 -8.59 24.21
C GLU C 96 -37.19 -10.01 24.13
N THR C 97 -37.67 -10.38 22.93
CA THR C 97 -38.18 -11.75 22.66
C THR C 97 -37.05 -12.78 22.84
N PRO C 98 -37.28 -13.85 23.65
CA PRO C 98 -36.26 -14.90 23.69
C PRO C 98 -35.86 -15.40 22.29
N GLU C 99 -34.56 -15.65 22.16
CA GLU C 99 -33.94 -15.99 20.89
C GLU C 99 -34.72 -17.02 20.11
N GLU C 100 -35.08 -18.09 20.82
CA GLU C 100 -35.76 -19.22 20.21
C GLU C 100 -37.18 -18.90 19.82
N GLU C 101 -37.73 -17.80 20.33
CA GLU C 101 -39.07 -17.37 19.97
C GLU C 101 -39.16 -16.27 18.86
N ARG C 102 -38.03 -15.70 18.45
CA ARG C 102 -38.07 -14.71 17.38
C ARG C 102 -38.44 -15.41 16.07
N GLU C 103 -39.42 -14.92 15.32
CA GLU C 103 -39.83 -15.59 14.08
C GLU C 103 -38.99 -15.17 12.88
N LYS C 104 -38.46 -13.95 12.89
CA LYS C 104 -37.53 -13.60 11.82
C LYS C 104 -36.30 -12.99 12.49
N LEU C 105 -35.27 -12.81 11.68
CA LEU C 105 -33.96 -12.30 12.11
C LEU C 105 -33.88 -10.87 11.60
N TYR C 106 -33.89 -9.88 12.51
CA TYR C 106 -33.85 -8.46 12.09
C TYR C 106 -32.70 -7.78 12.76
N ASN C 107 -32.21 -6.70 12.14
CA ASN C 107 -31.02 -5.95 12.62
C ASN C 107 -31.33 -4.50 12.49
N VAL C 108 -30.94 -3.72 13.52
CA VAL C 108 -31.00 -2.24 13.35
C VAL C 108 -29.55 -1.76 13.30
N ILE C 109 -29.18 -1.14 12.19
CA ILE C 109 -27.80 -0.65 12.16
C ILE C 109 -27.77 0.89 12.01
N SER C 110 -28.93 1.55 11.90
CA SER C 110 -28.99 2.89 11.41
C SER C 110 -29.84 3.87 12.26
N LEU C 111 -29.85 3.64 13.56
CA LEU C 111 -30.59 4.59 14.42
C LEU C 111 -29.58 5.75 14.76
N GLU C 112 -29.78 6.90 14.15
CA GLU C 112 -28.89 8.06 14.44
C GLU C 112 -29.60 8.87 15.54
N PHE C 113 -28.88 9.00 16.66
CA PHE C 113 -29.56 9.48 17.87
C PHE C 113 -29.07 10.86 18.33
N SER C 114 -28.39 11.59 17.44
CA SER C 114 -28.12 13.01 17.77
C SER C 114 -29.42 13.78 17.99
N HIS C 115 -29.38 14.76 18.91
CA HIS C 115 -30.55 15.62 19.22
C HIS C 115 -31.63 14.83 19.94
N THR C 116 -31.20 13.78 20.62
CA THR C 116 -32.08 13.11 21.60
C THR C 116 -31.33 13.07 22.94
N ARG C 117 -32.02 12.60 23.99
CA ARG C 117 -31.39 12.49 25.27
C ARG C 117 -30.26 11.45 25.26
N LEU C 118 -30.18 10.56 24.23
CA LEU C 118 -29.10 9.57 24.25
C LEU C 118 -27.77 10.26 23.79
N GLU C 119 -27.88 11.41 23.13
CA GLU C 119 -26.71 11.98 22.46
C GLU C 119 -25.55 12.27 23.41
N ASN C 120 -25.89 12.83 24.57
CA ASN C 120 -24.76 13.22 25.44
C ASN C 120 -24.22 12.08 26.26
N MET C 121 -24.81 10.90 26.17
CA MET C 121 -24.33 9.72 26.89
C MET C 121 -23.18 9.01 26.18
N VAL C 122 -22.95 9.35 24.89
CA VAL C 122 -21.97 8.63 24.06
C VAL C 122 -21.06 9.69 23.43
N GLN C 123 -19.77 9.55 23.65
CA GLN C 123 -18.77 10.49 23.04
C GLN C 123 -17.81 9.61 22.25
N ARG C 124 -17.52 10.06 21.03
CA ARG C 124 -16.67 9.25 20.23
C ARG C 124 -15.18 9.60 20.51
N PRO C 125 -14.26 8.88 19.84
CA PRO C 125 -12.82 9.11 20.18
C PRO C 125 -12.48 10.57 19.92
N SER C 126 -11.75 11.22 20.85
CA SER C 126 -11.43 12.63 20.67
C SER C 126 -10.80 12.93 19.35
N THR C 127 -9.85 12.07 18.92
CA THR C 127 -9.18 12.33 17.66
C THR C 127 -10.14 12.51 16.52
N VAL C 128 -11.26 11.78 16.54
CA VAL C 128 -12.19 11.89 15.43
C VAL C 128 -12.78 13.32 15.45
N ASP C 129 -13.05 13.89 16.65
CA ASP C 129 -13.52 15.28 16.64
C ASP C 129 -12.61 16.30 16.00
N PHE C 130 -11.30 16.04 16.00
CA PHE C 130 -10.35 16.95 15.40
C PHE C 130 -10.31 16.88 13.89
N ILE C 131 -10.75 15.74 13.33
CA ILE C 131 -10.60 15.59 11.88
C ILE C 131 -11.95 15.54 11.12
N ASP C 132 -13.04 15.28 11.80
CA ASP C 132 -14.35 15.09 11.14
C ASP C 132 -14.76 16.36 10.41
N TRP C 133 -15.07 16.21 9.09
CA TRP C 133 -15.53 17.41 8.33
C TRP C 133 -16.77 18.04 8.95
N VAL C 134 -17.68 17.25 9.53
CA VAL C 134 -18.90 17.89 10.07
C VAL C 134 -18.54 18.89 11.17
N ASP C 135 -17.75 18.48 12.14
CA ASP C 135 -17.39 19.41 13.24
CA ASP C 135 -17.39 19.41 13.24
C ASP C 135 -16.50 20.56 12.82
N ASN C 136 -15.66 20.35 11.79
CA ASN C 136 -14.59 21.31 11.49
C ASN C 136 -14.83 22.13 10.25
N MET C 137 -15.76 21.71 9.38
CA MET C 137 -15.91 22.41 8.07
C MET C 137 -17.33 22.89 7.85
N TRP C 138 -18.34 22.15 8.34
CA TRP C 138 -19.73 22.61 8.13
C TRP C 138 -20.04 23.90 8.92
N PRO C 139 -20.73 24.89 8.32
CA PRO C 139 -21.04 26.12 9.11
C PRO C 139 -21.72 25.76 10.45
N ARG C 140 -21.13 26.29 11.53
CA ARG C 140 -21.51 25.85 12.85
C ARG C 140 -22.95 26.24 13.16
N HIS C 141 -23.42 27.40 12.67
CA HIS C 141 -24.76 27.80 13.01
C HIS C 141 -25.81 26.91 12.42
N LEU C 142 -25.48 26.27 11.28
CA LEU C 142 -26.42 25.36 10.69
C LEU C 142 -26.47 24.10 11.53
N LYS C 143 -25.31 23.58 11.98
CA LYS C 143 -25.37 22.34 12.78
C LYS C 143 -26.12 22.63 14.09
N GLU C 144 -25.91 23.81 14.66
CA GLU C 144 -26.54 24.15 15.96
C GLU C 144 -28.02 24.34 15.77
N SER C 145 -28.48 24.61 14.54
CA SER C 145 -29.94 24.83 14.31
C SER C 145 -30.76 23.53 14.27
N GLN C 146 -30.06 22.40 14.14
CA GLN C 146 -30.80 21.12 13.98
C GLN C 146 -31.71 20.90 15.18
N THR C 147 -33.00 20.65 14.87
CA THR C 147 -33.93 20.16 15.94
C THR C 147 -34.40 18.75 15.79
N GLU C 148 -34.53 18.29 14.55
CA GLU C 148 -35.18 16.99 14.23
C GLU C 148 -34.25 15.89 14.63
N SER C 149 -34.73 14.90 15.39
CA SER C 149 -33.83 13.87 15.82
C SER C 149 -33.86 12.69 14.88
N THR C 150 -34.84 12.67 13.95
CA THR C 150 -34.82 11.60 12.90
C THR C 150 -34.00 12.08 11.75
N ASN C 151 -33.83 11.23 10.74
CA ASN C 151 -33.02 11.59 9.59
C ASN C 151 -33.87 12.04 8.43
N ALA C 152 -35.03 12.62 8.73
CA ALA C 152 -35.87 13.20 7.69
C ALA C 152 -35.07 14.24 6.92
N ILE C 153 -34.95 14.05 5.62
CA ILE C 153 -34.03 14.89 4.83
C ILE C 153 -34.42 16.34 4.70
N LEU C 154 -35.74 16.66 4.64
CA LEU C 154 -36.21 18.04 4.50
C LEU C 154 -35.96 18.88 5.75
N GLU C 155 -35.74 18.19 6.89
CA GLU C 155 -35.49 18.85 8.18
C GLU C 155 -33.99 18.92 8.51
N MET C 156 -33.15 18.26 7.67
CA MET C 156 -31.75 18.05 8.06
C MET C 156 -30.92 19.27 7.69
N GLN C 157 -30.22 19.81 8.67
CA GLN C 157 -29.46 21.07 8.50
C GLN C 157 -27.96 20.88 8.30
N TYR C 158 -27.48 19.65 8.43
CA TYR C 158 -26.05 19.26 8.27
C TYR C 158 -26.04 17.74 8.06
N PRO C 159 -24.91 17.15 7.69
CA PRO C 159 -24.88 15.69 7.55
C PRO C 159 -24.99 14.93 8.86
N LYS C 160 -26.21 14.45 9.12
CA LYS C 160 -26.53 13.89 10.44
C LYS C 160 -26.17 12.41 10.42
N VAL C 161 -24.83 12.17 10.52
CA VAL C 161 -24.30 10.81 10.41
C VAL C 161 -23.26 10.49 11.50
N GLN C 162 -23.32 11.26 12.57
CA GLN C 162 -22.27 11.16 13.55
C GLN C 162 -22.41 10.14 14.64
N LYS C 163 -23.62 9.84 15.08
CA LYS C 163 -23.78 8.98 16.28
C LYS C 163 -24.91 8.00 16.02
N TYR C 164 -24.51 6.72 15.87
CA TYR C 164 -25.56 5.72 15.56
C TYR C 164 -25.55 4.63 16.61
N CYS C 165 -26.73 4.10 16.92
CA CYS C 165 -26.86 2.98 17.81
C CYS C 165 -27.22 1.74 16.94
N LEU C 166 -26.44 0.66 17.06
CA LEU C 166 -26.72 -0.57 16.28
C LEU C 166 -27.12 -1.64 17.29
N MET C 167 -28.24 -2.36 17.04
CA MET C 167 -28.73 -3.38 17.95
C MET C 167 -29.00 -4.61 17.05
N SER C 168 -28.26 -5.67 17.33
CA SER C 168 -28.28 -6.80 16.42
C SER C 168 -28.54 -8.02 17.21
N VAL C 169 -29.40 -8.89 16.68
CA VAL C 169 -29.60 -10.14 17.47
C VAL C 169 -28.65 -11.22 16.98
N ARG C 170 -28.38 -12.21 17.82
CA ARG C 170 -27.66 -13.45 17.38
C ARG C 170 -28.14 -13.93 16.04
N GLY C 171 -27.16 -14.14 15.13
CA GLY C 171 -27.39 -14.62 13.83
C GLY C 171 -27.41 -13.57 12.75
N CYS C 172 -27.40 -12.28 13.13
CA CYS C 172 -27.55 -11.18 12.15
C CYS C 172 -26.36 -11.20 11.15
N TYR C 173 -26.61 -10.93 9.89
CA TYR C 173 -25.48 -10.81 8.95
C TYR C 173 -25.77 -9.59 8.12
N THR C 174 -24.74 -8.76 7.92
CA THR C 174 -24.87 -7.66 6.97
C THR C 174 -23.84 -7.99 5.88
N ASP C 175 -24.28 -7.97 4.63
CA ASP C 175 -23.42 -8.44 3.52
C ASP C 175 -22.44 -7.34 3.12
N PHE C 176 -21.51 -7.70 2.25
CA PHE C 176 -20.43 -6.76 1.87
C PHE C 176 -20.90 -5.43 1.40
N HIS C 177 -20.28 -4.36 1.94
CA HIS C 177 -20.61 -3.03 1.49
C HIS C 177 -19.47 -2.08 1.83
N VAL C 178 -19.49 -0.90 1.25
CA VAL C 178 -18.58 0.19 1.65
C VAL C 178 -19.52 1.25 2.25
N ASP C 179 -19.13 1.77 3.40
CA ASP C 179 -19.92 2.79 3.99
C ASP C 179 -20.12 4.03 3.11
N PHE C 180 -21.25 4.73 3.33
CA PHE C 180 -21.68 5.81 2.43
C PHE C 180 -20.68 6.94 2.30
N GLY C 181 -20.53 7.40 1.08
CA GLY C 181 -19.73 8.53 0.71
C GLY C 181 -18.26 8.23 0.94
N GLY C 182 -17.91 6.98 1.18
CA GLY C 182 -16.54 6.59 1.51
C GLY C 182 -16.14 7.08 2.93
N THR C 183 -17.18 7.26 3.75
CA THR C 183 -16.88 7.59 5.18
C THR C 183 -16.01 6.54 5.86
N SER C 184 -15.21 7.04 6.84
CA SER C 184 -14.56 6.16 7.75
C SER C 184 -15.52 5.92 8.91
N VAL C 185 -15.29 4.88 9.68
CA VAL C 185 -16.24 4.45 10.74
C VAL C 185 -15.49 4.20 12.02
N TRP C 186 -16.11 4.60 13.16
CA TRP C 186 -15.63 4.13 14.45
C TRP C 186 -16.77 3.32 15.05
N TYR C 187 -16.42 2.26 15.79
CA TYR C 187 -17.45 1.30 16.12
C TYR C 187 -17.09 0.67 17.46
N HIS C 188 -17.92 0.87 18.50
CA HIS C 188 -17.58 0.48 19.91
C HIS C 188 -18.53 -0.62 20.38
N ILE C 189 -17.98 -1.80 20.71
CA ILE C 189 -18.83 -2.94 21.07
C ILE C 189 -19.22 -2.73 22.56
N HIS C 190 -20.42 -2.20 22.82
CA HIS C 190 -20.80 -1.92 24.20
C HIS C 190 -21.15 -3.20 24.97
N GLN C 191 -21.90 -4.06 24.29
CA GLN C 191 -22.25 -5.42 24.82
C GLN C 191 -22.25 -6.35 23.64
N GLY C 192 -21.68 -7.56 23.83
CA GLY C 192 -21.81 -8.53 22.76
C GLY C 192 -20.48 -8.76 22.04
N GLY C 193 -20.58 -8.90 20.72
CA GLY C 193 -19.43 -9.23 19.89
C GLY C 193 -19.77 -9.16 18.43
N LYS C 194 -18.75 -9.05 17.54
CA LYS C 194 -19.09 -9.01 16.12
C LYS C 194 -17.95 -9.71 15.39
N VAL C 195 -18.28 -10.24 14.23
CA VAL C 195 -17.21 -10.76 13.32
C VAL C 195 -17.24 -9.94 12.03
N PHE C 196 -16.05 -9.43 11.60
CA PHE C 196 -15.97 -8.67 10.38
C PHE C 196 -15.16 -9.40 9.30
N TRP C 197 -15.60 -9.38 8.05
CA TRP C 197 -14.67 -9.81 6.94
C TRP C 197 -14.25 -8.49 6.31
N LEU C 198 -12.92 -8.23 6.11
CA LEU C 198 -12.37 -6.94 5.60
C LEU C 198 -11.65 -7.17 4.26
N ILE C 199 -11.95 -6.33 3.29
CA ILE C 199 -11.40 -6.44 1.93
C ILE C 199 -10.84 -5.03 1.64
N PRO C 200 -9.54 -4.92 1.26
CA PRO C 200 -8.95 -3.61 1.04
C PRO C 200 -9.39 -2.95 -0.23
N PRO C 201 -9.44 -1.58 -0.24
CA PRO C 201 -10.03 -0.91 -1.37
C PRO C 201 -8.95 -0.69 -2.49
N THR C 202 -8.36 -1.78 -2.92
CA THR C 202 -7.55 -1.74 -4.11
C THR C 202 -8.36 -1.45 -5.38
N ALA C 203 -7.68 -0.99 -6.42
CA ALA C 203 -8.32 -0.67 -7.68
C ALA C 203 -9.05 -1.95 -8.13
N HIS C 204 -8.38 -3.07 -8.00
CA HIS C 204 -8.94 -4.34 -8.45
C HIS C 204 -10.18 -4.75 -7.61
N ASN C 205 -10.05 -4.67 -6.28
CA ASN C 205 -11.19 -5.00 -5.38
C ASN C 205 -12.36 -4.09 -5.53
N LEU C 206 -12.11 -2.80 -5.77
CA LEU C 206 -13.18 -1.88 -5.99
C LEU C 206 -13.89 -2.21 -7.31
N GLU C 207 -13.12 -2.64 -8.30
CA GLU C 207 -13.75 -3.01 -9.56
C GLU C 207 -14.62 -4.30 -9.35
N LEU C 208 -14.10 -5.27 -8.59
CA LEU C 208 -14.83 -6.54 -8.32
C LEU C 208 -16.10 -6.15 -7.58
N TYR C 209 -15.94 -5.23 -6.59
CA TYR C 209 -17.09 -4.86 -5.77
C TYR C 209 -18.23 -4.28 -6.56
N GLU C 210 -17.92 -3.36 -7.47
CA GLU C 210 -18.84 -2.66 -8.31
C GLU C 210 -19.49 -3.68 -9.28
N ASN C 211 -18.69 -4.55 -9.89
CA ASN C 211 -19.25 -5.68 -10.67
C ASN C 211 -20.25 -6.58 -9.90
N TRP C 212 -19.85 -7.06 -8.72
CA TRP C 212 -20.70 -7.80 -7.79
C TRP C 212 -22.01 -7.06 -7.51
N LEU C 213 -21.93 -5.76 -7.16
CA LEU C 213 -23.18 -4.94 -7.00
C LEU C 213 -24.10 -4.95 -8.19
N LEU C 214 -23.49 -5.03 -9.36
CA LEU C 214 -24.16 -4.84 -10.63
C LEU C 214 -24.68 -6.21 -11.18
N SER C 215 -24.26 -7.28 -10.50
CA SER C 215 -24.77 -8.65 -10.59
C SER C 215 -26.20 -8.73 -10.13
N GLY C 216 -26.92 -9.68 -10.70
CA GLY C 216 -28.20 -10.10 -10.16
C GLY C 216 -27.83 -11.26 -9.29
N LYS C 217 -26.54 -11.31 -8.94
CA LYS C 217 -25.89 -12.49 -8.36
C LYS C 217 -25.42 -12.35 -6.90
N GLN C 218 -25.59 -11.17 -6.31
CA GLN C 218 -24.99 -10.89 -4.98
C GLN C 218 -25.20 -12.00 -3.92
N GLY C 219 -26.46 -12.46 -3.75
CA GLY C 219 -26.82 -13.40 -2.68
C GLY C 219 -26.21 -14.79 -2.87
N ASP C 220 -25.71 -15.04 -4.08
CA ASP C 220 -25.08 -16.31 -4.50
C ASP C 220 -23.57 -16.29 -4.39
N ILE C 221 -22.96 -15.12 -4.20
CA ILE C 221 -21.48 -15.03 -4.22
C ILE C 221 -21.01 -14.41 -2.91
N PHE C 222 -20.25 -15.14 -2.09
CA PHE C 222 -19.55 -14.49 -1.00
C PHE C 222 -18.36 -13.70 -1.55
N LEU C 223 -18.37 -12.36 -1.42
CA LEU C 223 -17.40 -11.56 -2.13
C LEU C 223 -16.00 -11.83 -1.63
N GLY C 224 -15.83 -12.28 -0.38
CA GLY C 224 -14.46 -12.43 0.14
C GLY C 224 -13.71 -13.60 -0.55
N ASP C 225 -14.48 -14.43 -1.23
CA ASP C 225 -13.92 -15.54 -2.01
C ASP C 225 -13.43 -15.10 -3.36
N ARG C 226 -13.83 -13.91 -3.82
CA ARG C 226 -13.44 -13.49 -5.16
C ARG C 226 -12.18 -12.65 -5.17
N VAL C 227 -11.68 -12.27 -4.00
CA VAL C 227 -10.62 -11.27 -3.98
C VAL C 227 -9.36 -12.02 -3.59
N SER C 228 -8.20 -11.42 -3.84
CA SER C 228 -6.92 -12.00 -3.39
C SER C 228 -6.81 -12.22 -1.87
N ASP C 229 -7.28 -11.25 -1.09
CA ASP C 229 -6.85 -11.12 0.29
C ASP C 229 -8.01 -10.59 1.13
N CYS C 230 -8.44 -11.37 2.10
CA CYS C 230 -9.53 -10.95 2.97
C CYS C 230 -9.12 -11.30 4.38
N GLN C 231 -9.51 -10.48 5.34
CA GLN C 231 -9.22 -10.81 6.71
C GLN C 231 -10.54 -10.96 7.45
N ARG C 232 -10.79 -12.10 8.05
CA ARG C 232 -11.91 -12.20 8.99
C ARG C 232 -11.39 -11.97 10.38
N ILE C 233 -12.02 -11.07 11.14
CA ILE C 233 -11.55 -10.78 12.48
C ILE C 233 -12.76 -10.64 13.41
N GLU C 234 -12.58 -10.98 14.68
CA GLU C 234 -13.58 -10.89 15.72
C GLU C 234 -13.38 -9.66 16.64
N LEU C 235 -14.47 -8.94 16.96
CA LEU C 235 -14.40 -7.86 17.94
C LEU C 235 -15.16 -8.29 19.18
N LYS C 236 -14.46 -8.14 20.30
CA LYS C 236 -14.97 -8.49 21.61
C LYS C 236 -15.58 -7.27 22.30
N GLN C 237 -16.39 -7.54 23.30
CA GLN C 237 -16.90 -6.49 24.15
C GLN C 237 -15.84 -5.47 24.63
N GLY C 238 -16.16 -4.17 24.51
CA GLY C 238 -15.26 -3.12 24.96
C GLY C 238 -14.20 -2.74 23.90
N TYR C 239 -14.12 -3.47 22.79
CA TYR C 239 -13.19 -3.05 21.74
C TYR C 239 -13.78 -1.87 20.97
N THR C 240 -12.89 -1.00 20.48
CA THR C 240 -13.31 0.05 19.54
C THR C 240 -12.53 -0.24 18.20
N PHE C 241 -13.23 -0.19 17.12
CA PHE C 241 -12.73 -0.55 15.76
C PHE C 241 -12.88 0.71 14.87
N VAL C 242 -11.82 1.01 14.07
CA VAL C 242 -11.86 2.14 13.15
C VAL C 242 -11.62 1.55 11.79
N ILE C 243 -12.56 1.77 10.87
CA ILE C 243 -12.50 1.33 9.48
C ILE C 243 -12.19 2.52 8.55
N PRO C 244 -11.13 2.42 7.75
CA PRO C 244 -10.75 3.55 6.89
C PRO C 244 -11.68 3.67 5.71
N SER C 245 -11.58 4.78 5.00
CA SER C 245 -12.38 5.05 3.81
C SER C 245 -12.17 3.90 2.78
N GLY C 246 -13.30 3.42 2.26
CA GLY C 246 -13.32 2.55 1.08
C GLY C 246 -13.30 1.07 1.44
N TRP C 247 -13.10 0.70 2.70
CA TRP C 247 -12.92 -0.73 3.00
C TRP C 247 -14.26 -1.45 2.79
N ILE C 248 -14.23 -2.57 2.06
CA ILE C 248 -15.39 -3.39 1.82
C ILE C 248 -15.52 -4.44 2.92
N HIS C 249 -16.69 -4.51 3.60
CA HIS C 249 -16.71 -5.29 4.82
C HIS C 249 -18.14 -5.84 4.98
N ALA C 250 -18.18 -7.01 5.60
CA ALA C 250 -19.40 -7.73 5.96
C ALA C 250 -19.25 -8.06 7.38
N VAL C 251 -20.39 -8.25 8.08
CA VAL C 251 -20.35 -8.44 9.51
C VAL C 251 -21.44 -9.44 9.96
N TYR C 252 -21.02 -10.30 10.88
CA TYR C 252 -21.93 -11.29 11.44
C TYR C 252 -21.95 -11.05 12.94
N THR C 253 -23.11 -11.35 13.54
CA THR C 253 -23.27 -11.10 14.95
C THR C 253 -23.49 -12.43 15.68
N PRO C 254 -22.50 -12.84 16.49
CA PRO C 254 -22.57 -14.21 17.07
C PRO C 254 -23.41 -14.30 18.33
N THR C 255 -23.77 -13.14 18.94
CA THR C 255 -24.50 -13.10 20.15
C THR C 255 -25.25 -11.75 20.16
N ASP C 256 -26.25 -11.59 21.04
CA ASP C 256 -27.01 -10.31 21.00
C ASP C 256 -26.05 -9.18 21.34
N THR C 257 -26.11 -8.10 20.56
CA THR C 257 -25.08 -7.09 20.82
C THR C 257 -25.66 -5.67 20.67
N LEU C 258 -25.04 -4.75 21.37
CA LEU C 258 -25.39 -3.33 21.24
C LEU C 258 -24.06 -2.62 20.91
N VAL C 259 -24.06 -1.85 19.84
CA VAL C 259 -22.89 -1.09 19.37
C VAL C 259 -23.21 0.40 19.31
N PHE C 260 -22.23 1.26 19.68
CA PHE C 260 -22.41 2.68 19.37
C PHE C 260 -21.27 3.00 18.42
N GLY C 261 -21.56 3.80 17.43
CA GLY C 261 -20.53 4.02 16.37
C GLY C 261 -20.96 5.15 15.50
N GLY C 262 -20.19 5.48 14.46
CA GLY C 262 -20.62 6.63 13.66
C GLY C 262 -19.65 6.74 12.48
N ASN C 263 -19.95 7.70 11.62
CA ASN C 263 -19.25 7.83 10.34
C ASN C 263 -18.63 9.19 10.28
N PHE C 264 -17.55 9.33 9.50
CA PHE C 264 -16.99 10.66 9.31
C PHE C 264 -16.21 10.70 7.99
N LEU C 265 -16.28 11.85 7.33
CA LEU C 265 -15.33 12.17 6.26
C LEU C 265 -14.18 12.93 6.85
N HIS C 266 -13.03 12.93 6.17
CA HIS C 266 -11.86 13.68 6.67
C HIS C 266 -10.92 14.02 5.52
N SER C 267 -9.87 14.74 5.82
CA SER C 267 -9.15 15.32 4.68
C SER C 267 -7.99 14.48 4.23
N PHE C 268 -7.80 13.32 4.82
CA PHE C 268 -6.59 12.53 4.53
C PHE C 268 -6.76 11.38 3.58
N ASN C 269 -8.00 11.03 3.16
CA ASN C 269 -8.18 10.15 2.04
C ASN C 269 -9.32 10.63 1.18
N ILE C 270 -9.23 11.90 0.75
CA ILE C 270 -10.28 12.44 -0.08
C ILE C 270 -10.40 11.66 -1.38
N PRO C 271 -9.27 11.29 -2.02
CA PRO C 271 -9.45 10.54 -3.29
C PRO C 271 -10.28 9.27 -3.19
N MET C 272 -10.12 8.50 -2.12
CA MET C 272 -10.98 7.37 -1.90
C MET C 272 -12.44 7.74 -1.60
N GLN C 273 -12.65 8.77 -0.76
CA GLN C 273 -14.05 9.25 -0.51
C GLN C 273 -14.71 9.55 -1.85
N LEU C 274 -14.01 10.22 -2.76
CA LEU C 274 -14.62 10.59 -4.06
C LEU C 274 -14.85 9.32 -4.94
N LYS C 275 -13.92 8.37 -4.88
CA LYS C 275 -14.04 7.10 -5.63
C LYS C 275 -15.27 6.34 -5.19
N ILE C 276 -15.50 6.26 -3.87
CA ILE C 276 -16.67 5.48 -3.41
C ILE C 276 -17.95 6.22 -3.81
N TYR C 277 -18.02 7.53 -3.63
CA TYR C 277 -19.19 8.32 -4.06
C TYR C 277 -19.53 8.06 -5.58
N SER C 278 -18.50 8.05 -6.42
CA SER C 278 -18.69 7.63 -7.84
C SER C 278 -19.25 6.21 -8.05
N ILE C 279 -18.85 5.25 -7.25
CA ILE C 279 -19.39 3.90 -7.35
C ILE C 279 -20.88 3.95 -7.00
N GLU C 280 -21.23 4.76 -5.98
CA GLU C 280 -22.64 4.88 -5.60
C GLU C 280 -23.46 5.40 -6.72
N ASP C 281 -22.93 6.38 -7.47
CA ASP C 281 -23.63 6.99 -8.63
C ASP C 281 -23.91 5.92 -9.69
N ARG C 282 -22.89 5.17 -10.05
CA ARG C 282 -23.00 4.18 -11.15
C ARG C 282 -23.81 2.96 -10.75
N THR C 283 -23.86 2.64 -9.46
CA THR C 283 -24.71 1.57 -9.03
C THR C 283 -26.13 2.00 -8.66
N ARG C 284 -26.45 3.27 -8.89
CA ARG C 284 -27.82 3.84 -8.70
C ARG C 284 -28.31 3.63 -7.25
N VAL C 285 -27.42 3.82 -6.28
CA VAL C 285 -27.85 3.81 -4.85
C VAL C 285 -28.83 4.95 -4.65
N PRO C 286 -30.04 4.71 -4.05
CA PRO C 286 -31.00 5.83 -3.75
C PRO C 286 -30.42 6.83 -2.76
N ASN C 287 -30.81 8.10 -2.85
CA ASN C 287 -30.25 9.12 -1.94
C ASN C 287 -30.39 8.80 -0.47
N LYS C 288 -31.43 8.05 -0.11
CA LYS C 288 -31.66 7.72 1.31
C LYS C 288 -30.50 6.99 1.98
N PHE C 289 -29.73 6.19 1.21
CA PHE C 289 -28.62 5.39 1.71
C PHE C 289 -27.28 6.10 1.46
N ARG C 290 -27.33 7.35 1.16
CA ARG C 290 -26.09 8.08 0.84
C ARG C 290 -25.73 9.16 1.91
N TYR C 291 -24.50 9.70 1.82
CA TYR C 291 -24.13 10.79 2.73
C TYR C 291 -24.88 12.07 2.36
N PRO C 292 -25.65 12.64 3.32
CA PRO C 292 -26.40 13.88 3.03
C PRO C 292 -25.48 15.07 2.74
N PHE C 293 -25.81 15.81 1.68
CA PHE C 293 -25.11 17.08 1.35
C PHE C 293 -23.61 16.87 1.08
N TYR C 294 -23.28 15.78 0.35
CA TYR C 294 -21.88 15.42 0.14
C TYR C 294 -21.09 16.49 -0.58
N TYR C 295 -21.54 16.94 -1.77
CA TYR C 295 -20.69 17.94 -2.49
C TYR C 295 -20.78 19.32 -1.86
N GLU C 296 -21.90 19.61 -1.20
CA GLU C 296 -22.02 20.84 -0.43
C GLU C 296 -20.91 20.89 0.62
N MET C 297 -20.71 19.78 1.29
CA MET C 297 -19.67 19.71 2.30
C MET C 297 -18.30 19.87 1.64
N CYS C 298 -18.08 19.20 0.50
CA CYS C 298 -16.80 19.40 -0.23
C CYS C 298 -16.46 20.88 -0.49
N TRP C 299 -17.47 21.65 -0.92
CA TRP C 299 -17.28 23.06 -1.18
C TRP C 299 -16.89 23.77 0.11
N TYR C 300 -17.60 23.47 1.19
CA TYR C 300 -17.24 24.16 2.44
C TYR C 300 -15.81 23.81 2.89
N VAL C 301 -15.38 22.58 2.58
CA VAL C 301 -13.99 22.14 2.95
C VAL C 301 -12.98 23.01 2.22
N LEU C 302 -13.18 23.23 0.92
CA LEU C 302 -12.22 24.09 0.18
C LEU C 302 -12.21 25.47 0.81
N GLU C 303 -13.38 26.02 1.16
CA GLU C 303 -13.39 27.41 1.64
C GLU C 303 -12.66 27.45 2.96
N ARG C 304 -12.83 26.40 3.79
CA ARG C 304 -12.17 26.42 5.09
C ARG C 304 -10.62 26.39 4.92
N TYR C 305 -10.13 25.56 3.98
CA TYR C 305 -8.64 25.49 3.80
C TYR C 305 -8.09 26.86 3.35
N VAL C 306 -8.80 27.47 2.43
CA VAL C 306 -8.34 28.76 1.94
C VAL C 306 -8.39 29.80 2.98
N TYR C 307 -9.50 29.85 3.74
CA TYR C 307 -9.56 30.84 4.81
C TYR C 307 -8.52 30.63 5.88
N CYS C 308 -8.38 29.39 6.34
CA CYS C 308 -7.47 29.09 7.41
C CYS C 308 -6.04 29.36 7.02
N ILE C 309 -5.68 29.22 5.76
CA ILE C 309 -4.28 29.39 5.34
C ILE C 309 -4.03 30.83 4.87
N THR C 310 -4.99 31.45 4.21
CA THR C 310 -4.71 32.75 3.63
C THR C 310 -5.46 33.89 4.31
N ASN C 311 -6.40 33.55 5.21
CA ASN C 311 -7.28 34.54 5.85
C ASN C 311 -8.19 35.22 4.85
N ARG C 312 -8.37 34.62 3.68
CA ARG C 312 -9.41 35.08 2.73
C ARG C 312 -10.70 34.18 2.67
N SER C 313 -11.84 34.82 2.94
CA SER C 313 -13.13 34.17 3.03
C SER C 313 -13.81 34.11 1.71
N HIS C 314 -14.37 32.93 1.37
CA HIS C 314 -15.26 32.80 0.25
C HIS C 314 -16.71 32.48 0.64
N LEU C 315 -17.02 32.75 1.93
CA LEU C 315 -18.42 32.69 2.39
C LEU C 315 -19.14 33.99 2.10
N THR C 316 -20.44 33.88 1.93
CA THR C 316 -21.29 35.08 1.80
C THR C 316 -21.16 35.97 3.03
N LYS C 317 -21.50 37.26 2.89
CA LYS C 317 -21.36 38.16 4.01
C LYS C 317 -22.22 37.67 5.21
N ASP C 318 -23.40 37.12 4.91
CA ASP C 318 -24.31 36.68 5.97
C ASP C 318 -23.59 35.53 6.71
N PHE C 319 -23.02 34.60 5.94
CA PHE C 319 -22.36 33.47 6.64
C PHE C 319 -21.08 33.88 7.41
N GLN C 320 -20.38 34.90 6.89
CA GLN C 320 -19.27 35.46 7.65
C GLN C 320 -19.71 36.07 9.00
N LYS C 321 -20.84 36.77 8.99
CA LYS C 321 -21.33 37.37 10.25
C LYS C 321 -21.78 36.26 11.22
N GLU C 322 -22.41 35.22 10.68
CA GLU C 322 -22.85 34.10 11.55
C GLU C 322 -21.64 33.48 12.21
N SER C 323 -20.58 33.27 11.43
CA SER C 323 -19.37 32.66 12.00
C SER C 323 -18.72 33.58 13.06
N LEU C 324 -18.63 34.88 12.75
CA LEU C 324 -18.03 35.79 13.70
C LEU C 324 -18.84 35.83 14.99
N SER C 325 -20.17 35.74 14.89
CA SER C 325 -21.00 35.75 16.08
C SER C 325 -20.68 34.53 16.94
N MET C 326 -20.50 33.36 16.32
CA MET C 326 -20.13 32.22 17.11
C MET C 326 -18.74 32.29 17.71
N ASP C 327 -17.81 32.90 16.98
CA ASP C 327 -16.49 33.25 17.62
C ASP C 327 -16.63 34.11 18.87
N MET C 328 -17.69 34.90 18.94
CA MET C 328 -17.93 35.89 20.04
C MET C 328 -18.57 35.29 21.29
N GLU C 329 -19.05 34.05 21.20
CA GLU C 329 -19.78 33.43 22.34
C GLU C 329 -18.93 33.16 23.57
N GLN D 1 3.98 29.66 4.06
CA GLN D 1 4.97 28.80 4.75
C GLN D 1 4.27 28.08 5.89
N VAL D 2 3.01 27.67 5.71
CA VAL D 2 2.58 26.48 6.44
C VAL D 2 2.82 25.21 5.60
N HIS D 3 2.88 24.10 6.28
CA HIS D 3 3.15 22.84 5.61
C HIS D 3 1.93 21.95 5.79
N LEU D 4 1.34 21.62 4.66
CA LEU D 4 0.26 20.61 4.66
C LEU D 4 0.86 19.27 4.42
N THR D 5 0.14 18.24 4.90
CA THR D 5 0.62 16.89 4.57
C THR D 5 0.44 16.58 3.05
N HIS D 6 1.22 15.63 2.56
CA HIS D 6 1.08 15.25 1.17
C HIS D 6 -0.32 14.69 0.95
N PHE D 7 -0.84 14.02 1.96
CA PHE D 7 -2.22 13.46 1.83
C PHE D 7 -3.21 14.58 1.52
N GLU D 8 -3.18 15.68 2.29
CA GLU D 8 -4.12 16.79 2.05
C GLU D 8 -3.86 17.48 0.71
N LEU D 9 -2.58 17.63 0.32
CA LEU D 9 -2.31 18.31 -0.95
C LEU D 9 -2.88 17.52 -2.13
N GLU D 10 -2.68 16.19 -2.11
CA GLU D 10 -3.18 15.30 -3.13
C GLU D 10 -4.72 15.37 -3.12
N GLY D 11 -5.30 15.29 -1.91
CA GLY D 11 -6.79 15.23 -1.79
C GLY D 11 -7.44 16.51 -2.25
N LEU D 12 -6.90 17.68 -1.92
CA LEU D 12 -7.48 18.98 -2.30
C LEU D 12 -7.37 19.18 -3.82
N ARG D 13 -6.25 18.72 -4.42
CA ARG D 13 -6.14 18.77 -5.86
C ARG D 13 -7.24 17.88 -6.50
N CYS D 14 -7.41 16.65 -6.01
CA CYS D 14 -8.47 15.77 -6.49
CA CYS D 14 -8.46 15.75 -6.45
C CYS D 14 -9.84 16.40 -6.33
N LEU D 15 -10.08 17.07 -5.17
CA LEU D 15 -11.37 17.68 -4.89
C LEU D 15 -11.65 18.82 -5.85
N VAL D 16 -10.64 19.65 -6.10
CA VAL D 16 -10.80 20.73 -7.09
C VAL D 16 -11.11 20.19 -8.49
N ASP D 17 -10.36 19.19 -8.93
CA ASP D 17 -10.63 18.58 -10.25
C ASP D 17 -12.02 17.99 -10.35
N LYS D 18 -12.47 17.29 -9.30
CA LYS D 18 -13.82 16.71 -9.32
C LYS D 18 -14.89 17.77 -9.43
N LEU D 19 -14.86 18.80 -8.54
CA LEU D 19 -15.88 19.80 -8.40
C LEU D 19 -15.97 20.58 -9.73
N GLU D 20 -14.80 20.92 -10.32
CA GLU D 20 -14.80 21.50 -11.68
C GLU D 20 -15.39 20.68 -12.80
N SER D 21 -15.40 19.36 -12.68
CA SER D 21 -15.82 18.46 -13.74
C SER D 21 -17.31 18.17 -13.58
N LEU D 22 -17.92 18.49 -12.43
CA LEU D 22 -19.38 18.16 -12.27
C LEU D 22 -20.23 19.01 -13.24
N PRO D 23 -21.28 18.39 -13.80
CA PRO D 23 -22.20 19.23 -14.58
C PRO D 23 -22.91 20.18 -13.64
N LEU D 24 -23.44 21.29 -14.13
CA LEU D 24 -23.98 22.32 -13.25
C LEU D 24 -25.06 21.81 -12.31
N HIS D 25 -25.93 20.95 -12.82
CA HIS D 25 -27.08 20.44 -12.00
C HIS D 25 -26.64 19.44 -10.94
N LYS D 26 -25.36 19.04 -10.96
CA LYS D 26 -24.79 18.17 -9.91
C LYS D 26 -23.74 18.88 -9.02
N LYS D 27 -23.50 20.16 -9.26
CA LYS D 27 -22.34 20.86 -8.69
C LYS D 27 -22.60 21.10 -7.20
N CYS D 28 -23.87 21.37 -6.87
CA CYS D 28 -24.32 21.48 -5.46
C CYS D 28 -23.52 22.53 -4.71
N VAL D 29 -23.37 23.71 -5.29
CA VAL D 29 -22.74 24.85 -4.55
C VAL D 29 -23.67 25.26 -3.41
N PRO D 30 -23.20 25.22 -2.13
CA PRO D 30 -24.12 25.42 -1.01
C PRO D 30 -24.41 26.91 -0.78
N THR D 31 -25.47 27.17 0.01
CA THR D 31 -25.99 28.54 0.21
CA THR D 31 -25.99 28.54 0.17
C THR D 31 -24.99 29.52 0.79
N GLY D 32 -24.02 29.02 1.58
CA GLY D 32 -23.08 29.91 2.20
C GLY D 32 -21.89 30.35 1.37
N ILE D 33 -21.70 29.76 0.20
CA ILE D 33 -20.57 30.10 -0.64
C ILE D 33 -20.86 31.33 -1.54
N GLU D 34 -19.95 32.29 -1.54
CA GLU D 34 -20.11 33.57 -2.26
C GLU D 34 -19.81 33.29 -3.75
N ASP D 35 -18.55 33.22 -4.13
CA ASP D 35 -18.21 33.06 -5.54
C ASP D 35 -17.39 31.78 -5.74
N GLU D 36 -18.06 30.69 -6.15
CA GLU D 36 -17.43 29.40 -6.24
C GLU D 36 -16.23 29.46 -7.23
N ASP D 37 -16.37 30.28 -8.26
CA ASP D 37 -15.23 30.49 -9.18
C ASP D 37 -13.99 31.14 -8.59
N ALA D 38 -14.16 32.23 -7.90
CA ALA D 38 -13.07 32.87 -7.15
C ALA D 38 -12.45 31.88 -6.15
N LEU D 39 -13.34 31.16 -5.43
CA LEU D 39 -12.87 30.12 -4.53
C LEU D 39 -11.96 29.05 -5.21
N ILE D 40 -12.42 28.43 -6.31
CA ILE D 40 -11.61 27.42 -6.99
C ILE D 40 -10.23 28.01 -7.43
N ALA D 41 -10.28 29.25 -7.87
CA ALA D 41 -9.06 29.91 -8.38
C ALA D 41 -8.06 30.10 -7.26
N ASP D 42 -8.58 30.51 -6.11
CA ASP D 42 -7.79 30.67 -4.93
C ASP D 42 -7.20 29.36 -4.40
N VAL D 43 -7.97 28.27 -4.49
CA VAL D 43 -7.42 26.98 -4.12
C VAL D 43 -6.23 26.62 -4.98
N LYS D 44 -6.39 26.79 -6.28
CA LYS D 44 -5.31 26.49 -7.20
C LYS D 44 -4.06 27.32 -6.94
N ILE D 45 -4.22 28.62 -6.70
CA ILE D 45 -3.08 29.48 -6.32
C ILE D 45 -2.39 28.90 -5.06
N LEU D 46 -3.23 28.57 -4.09
CA LEU D 46 -2.75 28.06 -2.83
C LEU D 46 -2.02 26.74 -3.02
N LEU D 47 -2.61 25.81 -3.79
CA LEU D 47 -1.97 24.52 -4.05
C LEU D 47 -0.60 24.67 -4.76
N GLU D 48 -0.50 25.68 -5.60
CA GLU D 48 0.73 26.02 -6.30
C GLU D 48 1.74 26.54 -5.30
N GLU D 49 1.34 27.48 -4.46
CA GLU D 49 2.20 27.95 -3.36
C GLU D 49 2.62 26.83 -2.40
N LEU D 50 1.72 25.94 -2.01
CA LEU D 50 2.08 24.95 -0.98
C LEU D 50 2.80 23.73 -1.53
N ALA D 51 2.83 23.61 -2.86
CA ALA D 51 3.58 22.50 -3.49
C ALA D 51 4.96 22.27 -2.85
N SER D 52 5.64 23.34 -2.43
CA SER D 52 6.91 23.24 -1.67
C SER D 52 6.76 23.17 -0.12
N SER D 53 5.57 22.78 0.37
CA SER D 53 5.39 22.26 1.73
C SER D 53 6.38 21.16 1.93
N ASP D 54 6.93 21.11 3.12
CA ASP D 54 7.70 20.01 3.49
C ASP D 54 6.77 18.97 4.15
N PRO D 55 6.61 17.78 3.51
CA PRO D 55 5.65 16.80 4.03
C PRO D 55 6.01 16.23 5.40
N LYS D 56 7.29 16.38 5.78
CA LYS D 56 7.75 16.02 7.09
C LYS D 56 7.45 17.09 8.14
N LEU D 57 7.68 18.36 7.80
CA LEU D 57 7.37 19.44 8.76
C LEU D 57 5.83 19.60 8.97
N ALA D 58 5.06 18.98 8.08
CA ALA D 58 3.63 19.04 8.14
C ALA D 58 3.13 18.23 9.37
N LEU D 59 3.98 17.36 9.94
CA LEU D 59 3.55 16.47 11.05
C LEU D 59 3.59 17.19 12.39
N THR D 60 2.74 18.19 12.56
CA THR D 60 2.75 19.09 13.74
C THR D 60 1.92 18.54 14.90
N GLY D 61 1.02 17.59 14.60
CA GLY D 61 -0.01 17.16 15.57
C GLY D 61 -1.12 18.19 15.80
N VAL D 62 -1.17 19.19 14.96
CA VAL D 62 -2.26 20.15 15.09
C VAL D 62 -2.96 20.34 13.78
N PRO D 63 -4.30 20.27 13.80
CA PRO D 63 -4.99 20.40 12.55
C PRO D 63 -4.86 21.78 11.92
N ILE D 64 -4.71 21.82 10.60
CA ILE D 64 -4.64 23.12 9.89
C ILE D 64 -5.99 23.87 9.96
N VAL D 65 -7.07 23.12 9.83
CA VAL D 65 -8.39 23.74 9.95
C VAL D 65 -8.94 23.53 11.37
N GLN D 66 -9.11 24.64 12.06
CA GLN D 66 -9.67 24.70 13.41
C GLN D 66 -10.50 25.95 13.46
N TRP D 67 -11.54 25.95 14.31
CA TRP D 67 -12.29 27.15 14.56
C TRP D 67 -11.48 28.07 15.48
N PRO D 68 -11.74 29.40 15.41
CA PRO D 68 -11.03 30.39 16.29
C PRO D 68 -11.12 30.01 17.77
N ALA E 1 39.04 0.03 -20.94
CA ALA E 1 38.04 0.93 -21.45
C ALA E 1 36.88 0.18 -22.04
N PRO E 2 36.81 -1.19 -21.91
CA PRO E 2 35.53 -1.76 -22.34
C PRO E 2 34.41 -1.21 -21.44
N ALA E 3 33.24 -0.97 -22.03
CA ALA E 3 32.04 -0.52 -21.33
C ALA E 3 31.56 -1.72 -20.46
N THR E 4 31.01 -1.39 -19.29
CA THR E 4 30.47 -2.44 -18.40
C THR E 4 28.98 -2.22 -18.18
N GLY E 5 28.28 -3.18 -17.54
CA GLY E 5 26.86 -2.93 -17.26
C GLY E 5 26.59 -3.75 -16.00
N GLY E 6 25.51 -3.43 -15.28
CA GLY E 6 25.28 -4.16 -14.01
C GLY E 6 26.25 -3.75 -12.89
N VAL E 7 26.74 -2.49 -12.95
CA VAL E 7 27.55 -1.95 -11.85
C VAL E 7 26.58 -1.40 -10.75
N M3L E 8 26.74 -1.88 -9.52
CA M3L E 8 25.86 -1.43 -8.41
CB M3L E 8 25.78 -2.57 -7.34
CG M3L E 8 25.36 -3.91 -8.02
CD M3L E 8 25.21 -5.00 -6.91
CE M3L E 8 23.96 -4.81 -6.03
NZ M3L E 8 23.99 -5.65 -4.82
C M3L E 8 26.53 -0.21 -7.78
O M3L E 8 27.62 -0.33 -7.24
CM1 M3L E 8 24.82 -4.87 -3.82
CM2 M3L E 8 24.45 -7.07 -5.06
CM3 M3L E 8 22.61 -5.65 -4.33
N LYS E 9 25.85 0.97 -7.84
CA LYS E 9 26.38 2.15 -7.10
C LYS E 9 25.20 3.10 -7.01
N PRO E 10 24.99 3.75 -5.86
CA PRO E 10 24.03 4.87 -5.85
C PRO E 10 24.65 6.11 -6.57
N HIS E 11 23.89 7.20 -6.73
CA HIS E 11 24.48 8.47 -7.25
C HIS E 11 25.52 9.25 -6.31
N ARG E 12 26.52 9.84 -6.95
CA ARG E 12 27.61 10.58 -6.31
C ARG E 12 27.03 11.84 -5.64
N TYR E 13 27.75 12.39 -4.66
CA TYR E 13 27.30 13.63 -3.99
C TYR E 13 27.59 14.87 -4.86
N ALA F 3 -39.24 11.31 3.60
CA ALA F 3 -37.92 10.91 2.96
C ALA F 3 -36.77 11.11 3.97
N THR F 4 -35.84 10.17 3.99
CA THR F 4 -34.75 10.22 4.97
C THR F 4 -33.41 10.25 4.20
N GLY F 5 -32.30 10.49 4.91
CA GLY F 5 -30.96 10.31 4.27
C GLY F 5 -29.97 9.90 5.33
N GLY F 6 -28.82 9.39 4.91
CA GLY F 6 -27.89 8.91 5.93
C GLY F 6 -28.45 7.62 6.57
N VAL F 7 -29.17 6.79 5.77
CA VAL F 7 -29.59 5.45 6.22
C VAL F 7 -28.48 4.45 5.88
N M3L F 8 -28.00 3.74 6.89
CA M3L F 8 -26.93 2.73 6.71
CB M3L F 8 -26.07 2.53 7.97
CG M3L F 8 -25.66 3.88 8.58
CD M3L F 8 -24.85 3.65 9.90
CE M3L F 8 -23.36 3.32 9.67
NZ M3L F 8 -22.68 2.70 10.84
C M3L F 8 -27.53 1.41 6.28
O M3L F 8 -28.26 0.81 7.06
CM1 M3L F 8 -23.22 1.30 11.08
CM2 M3L F 8 -22.84 3.47 12.10
CM3 M3L F 8 -21.24 2.56 10.59
N LYS F 9 -27.19 0.91 5.09
CA LYS F 9 -27.62 -0.46 4.67
C LYS F 9 -26.77 -0.92 3.48
N PRO F 10 -26.25 -2.19 3.50
CA PRO F 10 -25.59 -2.77 2.32
C PRO F 10 -26.49 -2.67 1.08
N HIS F 11 -25.89 -2.25 -0.04
CA HIS F 11 -26.61 -1.99 -1.28
C HIS F 11 -26.88 -3.32 -1.98
C1 OGA G . 22.41 -3.77 -1.47
C2 OGA G . 23.15 -2.60 -0.96
C4 OGA G . 25.18 -1.68 0.10
C5 OGA G . 26.18 -2.08 1.16
O1 OGA G . 22.91 -4.92 -1.21
O2 OGA G . 21.30 -3.64 -2.14
O2' OGA G . 22.72 -1.45 -1.20
O3 OGA G . 27.03 -1.22 1.55
N1 OGA G . 24.26 -2.83 -0.25
O4 OGA G . 26.11 -3.25 1.61
NI NI H . 21.17 -1.71 -2.64
C1 OGA I . -20.50 -0.85 10.22
C2 OGA I . -21.30 -2.03 9.85
C4 OGA I . -23.12 -3.61 10.40
C5 OGA I . -23.32 -4.54 11.61
O1 OGA I . -20.45 -0.55 11.44
O2 OGA I . -19.93 -0.14 9.30
O2' OGA I . -21.22 -2.42 8.71
O3 OGA I . -24.06 -5.58 11.51
N1 OGA I . -22.10 -2.63 10.75
O4 OGA I . -22.75 -4.29 12.72
NI NI J . -20.45 -0.79 7.38
#